data_5GZ4
#
_entry.id   5GZ4
#
_cell.length_a   171.679
_cell.length_b   65.876
_cell.length_c   89.615
_cell.angle_alpha   90.00
_cell.angle_beta   90.00
_cell.angle_gamma   90.00
#
_symmetry.space_group_name_H-M   'P 21 21 2'
#
loop_
_entity.id
_entity.type
_entity.pdbx_description
1 polymer 'Snake venom phosphodiesterase (PDE)'
2 branched 2-acetamido-2-deoxy-beta-D-glucopyranose-(1-4)-[alpha-L-fucopyranose-(1-6)]2-acetamido-2-deoxy-beta-D-glucopyranose
3 branched alpha-D-mannopyranose-(1-3)-[alpha-D-mannopyranose-(1-6)]beta-D-mannopyranose-(1-4)-2-acetamido-2-deoxy-beta-D-glucopyranose-(1-4)-2-acetamido-2-deoxy-beta-D-glucopyranose
4 non-polymer 'ZINC ION'
5 non-polymer 'CALCIUM ION'
6 non-polymer 1,2-ETHANEDIOL
7 non-polymer 2-acetamido-2-deoxy-beta-D-glucopyranose
8 water water
#
_entity_poly.entity_id   1
_entity_poly.type   'polypeptide(L)'
_entity_poly.pdbx_seq_one_letter_code
;LKQSKQPLESCRNRCNETFSEELSYCSCDNKCTERKACCWDYQDICVLPTQSWSCNKLRCGEKRMANVLCSCSEDCLTKK
DCCTDYKSICKRETSWLKDQCASSSASQCPEGFDQSPLILFSMDGFRAEYLETWDTLMPNINKLKTCGTHAKYMRAVYPT
KTFVNHYTIVTGLYAETHGIIDNNMYDVKLNQNFSLSGSNMRNAAWWGGQPIWHTASYQGLKAATYFWPGSEVKINGSYP
TIYKVYNKSTPFEARVMEVLKWLDLPKAKRPDFSTLYIEEPDTTGHKFGPVSGQVIKSLQMADRTLGMLMEGLKQRNLHN
CVNLILLADHGMEAISCNRLEYMTDYFNTVDFFMYEGAAPRIRSKNVPKDFYTFDSEAIVKKLTCRKPKQHFKAYLAKDL
PKRLHFANNIRIDKVNLMVDRQWLAVRNKKYKYCSGGTHGYDNEFKSMEAIFLAHGPGFKEKTEVTSFENIEVYNLMCDL
LKLKPAPNNGTHGSLNHLLKNPFYNPSPAKEQSPPLYCLFGPVPSPDVSGCKCSSITDLEAVNQRLNLIDQAKMQSEADN
LPYGRPHVLQHSKYCLLHQTKYISAYSQDILMPLWNSYTISKSLVKPTSAPPSASDCLRLDVRIPTVQSQTCSNYQPDLA
ITPGFLYPPDFSSSGPEQYDALITSNIVPMYKEFARLWNYFHSTLLPKYATERNGLNVISGPIFDYNYDGHFDPYDTIDQ
YVNNTKIPIPTHYFVVLTSCENSTKTPLNCPPGSLKVLSFILPHRPDNSESCADKSPDNLWVEERMQTHTARVRDVELLT
GLDFYSALKQPLSETLRLKTFLPIFINSVN
;
_entity_poly.pdbx_strand_id   A
#
loop_
_chem_comp.id
_chem_comp.type
_chem_comp.name
_chem_comp.formula
BMA D-saccharide, beta linking beta-D-mannopyranose 'C6 H12 O6'
CA non-polymer 'CALCIUM ION' 'Ca 2'
EDO non-polymer 1,2-ETHANEDIOL 'C2 H6 O2'
FUC L-saccharide, alpha linking alpha-L-fucopyranose 'C6 H12 O5'
MAN D-saccharide, alpha linking alpha-D-mannopyranose 'C6 H12 O6'
NAG D-saccharide, beta linking 2-acetamido-2-deoxy-beta-D-glucopyranose 'C8 H15 N O6'
ZN non-polymer 'ZINC ION' 'Zn 2'
#
# COMPACT_ATOMS: atom_id res chain seq x y z
N CYS A 11 -35.38 -37.65 27.55
CA CYS A 11 -34.41 -38.72 27.36
C CYS A 11 -33.02 -38.15 27.55
N ARG A 12 -32.60 -37.89 28.77
CA ARG A 12 -31.25 -37.37 28.91
C ARG A 12 -30.41 -38.24 29.85
N ASN A 13 -29.74 -39.20 29.23
CA ASN A 13 -28.75 -40.06 29.89
C ASN A 13 -28.30 -41.33 29.15
N ARG A 14 -27.14 -41.25 28.51
CA ARG A 14 -26.33 -40.03 28.53
C ARG A 14 -25.61 -39.81 27.20
N CYS A 15 -26.34 -39.32 26.18
CA CYS A 15 -25.85 -39.01 24.82
C CYS A 15 -24.51 -39.63 24.43
N ASN A 16 -24.57 -40.62 23.55
CA ASN A 16 -23.37 -41.32 23.13
C ASN A 16 -22.93 -41.92 24.45
N GLU A 17 -23.77 -42.81 24.97
CA GLU A 17 -23.55 -43.39 26.26
C GLU A 17 -23.75 -44.84 26.43
N THR A 18 -23.19 -45.33 27.53
CA THR A 18 -23.25 -46.70 27.97
C THR A 18 -23.37 -46.64 29.49
N PHE A 19 -24.25 -47.44 30.09
CA PHE A 19 -25.16 -48.33 29.41
C PHE A 19 -26.47 -47.62 29.60
N SER A 20 -26.74 -47.27 30.85
CA SER A 20 -27.96 -46.60 31.27
C SER A 20 -28.47 -45.62 30.23
N TYR A 25 -37.52 -44.70 27.92
CA TYR A 25 -37.97 -45.20 26.63
C TYR A 25 -36.90 -45.34 25.57
N CYS A 26 -37.03 -44.55 24.50
CA CYS A 26 -36.12 -44.68 23.38
C CYS A 26 -35.32 -43.42 23.13
N SER A 27 -34.09 -43.62 22.57
CA SER A 27 -33.19 -42.59 22.04
C SER A 27 -32.28 -41.98 23.11
N CYS A 28 -31.96 -42.78 24.12
CA CYS A 28 -31.06 -42.41 25.19
C CYS A 28 -29.91 -43.39 25.05
N ASP A 29 -30.25 -44.57 24.52
CA ASP A 29 -29.33 -45.64 24.26
C ASP A 29 -28.96 -45.36 22.81
N ASN A 30 -27.81 -45.79 22.31
CA ASN A 30 -26.73 -46.47 23.02
C ASN A 30 -25.46 -45.97 22.35
N LYS A 31 -24.29 -46.33 22.87
CA LYS A 31 -23.04 -46.06 22.18
C LYS A 31 -22.79 -47.12 21.10
N CYS A 32 -23.69 -47.22 20.13
CA CYS A 32 -23.98 -48.37 19.32
C CYS A 32 -22.63 -48.83 18.74
N THR A 33 -22.29 -50.12 18.69
CA THR A 33 -23.13 -51.29 19.01
C THR A 33 -24.44 -51.13 18.28
N GLU A 34 -24.29 -50.97 16.96
CA GLU A 34 -25.43 -50.67 16.11
C GLU A 34 -26.38 -51.83 16.07
N ARG A 35 -27.65 -51.50 16.28
CA ARG A 35 -28.73 -52.34 15.83
C ARG A 35 -29.55 -51.49 14.89
N LYS A 36 -30.38 -52.15 14.08
CA LYS A 36 -31.10 -51.44 13.03
C LYS A 36 -31.70 -50.13 13.51
N ALA A 37 -31.97 -50.01 14.80
CA ALA A 37 -32.55 -48.80 15.36
C ALA A 37 -31.84 -48.48 16.67
N CYS A 38 -31.18 -47.32 16.73
CA CYS A 38 -30.37 -46.94 17.90
C CYS A 38 -31.03 -46.25 19.13
N CYS A 39 -31.99 -45.32 19.05
CA CYS A 39 -32.82 -44.91 17.92
C CYS A 39 -32.72 -43.41 17.55
N TRP A 40 -31.98 -43.02 16.48
CA TRP A 40 -32.17 -41.73 15.82
C TRP A 40 -32.45 -40.61 16.83
N ASP A 41 -33.74 -40.44 17.08
CA ASP A 41 -34.50 -39.27 17.53
C ASP A 41 -33.77 -38.30 18.45
N TYR A 42 -33.38 -38.75 19.63
CA TYR A 42 -32.93 -37.86 20.68
C TYR A 42 -31.41 -37.71 20.74
N GLN A 43 -30.67 -38.59 20.05
CA GLN A 43 -29.20 -38.60 20.07
C GLN A 43 -28.55 -37.68 19.02
N ASP A 44 -29.12 -37.62 17.81
CA ASP A 44 -28.50 -36.89 16.74
C ASP A 44 -28.29 -35.43 17.15
N ILE A 45 -29.24 -34.86 17.89
CA ILE A 45 -29.15 -33.48 18.33
C ILE A 45 -28.18 -33.44 19.51
N CYS A 46 -27.43 -34.53 19.64
CA CYS A 46 -26.52 -34.71 20.75
C CYS A 46 -25.08 -34.89 20.32
N VAL A 47 -24.80 -35.85 19.45
CA VAL A 47 -23.37 -35.94 19.13
C VAL A 47 -22.94 -34.51 18.84
N LEU A 48 -23.90 -33.62 18.67
CA LEU A 48 -23.62 -32.19 18.49
C LEU A 48 -22.70 -31.50 19.54
N PRO A 49 -23.06 -31.49 20.84
CA PRO A 49 -22.23 -30.80 21.83
C PRO A 49 -20.76 -31.21 21.78
N THR A 50 -20.49 -32.43 21.34
CA THR A 50 -19.12 -32.94 21.24
C THR A 50 -18.43 -32.59 19.91
N GLN A 51 -19.20 -32.49 18.80
CA GLN A 51 -18.65 -32.19 17.47
C GLN A 51 -19.08 -30.86 16.90
N SER A 52 -19.94 -30.13 17.57
CA SER A 52 -20.41 -28.84 17.14
C SER A 52 -20.12 -27.83 18.23
N TRP A 53 -19.93 -26.60 17.82
CA TRP A 53 -19.72 -25.50 18.73
C TRP A 53 -21.01 -24.74 19.03
N SER A 54 -22.15 -25.31 18.63
CA SER A 54 -23.45 -24.71 18.84
C SER A 54 -24.34 -25.71 19.58
N CYS A 55 -25.24 -25.18 20.42
CA CYS A 55 -26.14 -26.03 21.17
C CYS A 55 -27.59 -25.74 20.78
N ASN A 56 -28.38 -26.79 20.85
CA ASN A 56 -29.67 -26.91 20.20
C ASN A 56 -30.80 -26.61 21.18
N LYS A 57 -32.02 -26.94 20.78
CA LYS A 57 -33.14 -26.91 21.72
C LYS A 57 -33.18 -28.19 22.55
N LEU A 58 -32.96 -29.32 21.89
CA LEU A 58 -33.23 -30.63 22.45
C LEU A 58 -32.35 -30.84 23.66
N ARG A 59 -31.49 -29.85 23.90
CA ARG A 59 -30.48 -29.84 24.95
C ARG A 59 -30.50 -28.63 25.84
N CYS A 60 -31.18 -27.63 25.40
CA CYS A 60 -31.16 -26.38 26.14
C CYS A 60 -31.49 -26.65 27.61
N GLY A 61 -30.75 -26.01 28.51
CA GLY A 61 -30.94 -26.23 29.93
C GLY A 61 -30.31 -27.51 30.44
N GLU A 62 -29.75 -28.35 29.57
CA GLU A 62 -29.02 -29.51 30.04
C GLU A 62 -27.75 -29.05 30.73
N LYS A 63 -26.93 -29.99 31.19
CA LYS A 63 -25.72 -29.64 31.91
C LYS A 63 -24.52 -30.25 31.23
N ARG A 64 -23.38 -30.09 31.87
CA ARG A 64 -22.11 -30.60 31.41
C ARG A 64 -22.17 -32.06 31.11
N MET A 65 -21.35 -32.48 30.15
CA MET A 65 -21.21 -33.88 29.84
C MET A 65 -19.72 -34.18 29.82
N ALA A 66 -19.38 -35.44 30.06
CA ALA A 66 -18.00 -35.79 30.38
C ALA A 66 -17.04 -35.27 29.32
N ASN A 67 -17.45 -35.30 28.05
CA ASN A 67 -16.61 -34.88 26.93
C ASN A 67 -17.41 -33.96 26.05
N VAL A 68 -16.93 -32.73 25.85
CA VAL A 68 -17.70 -31.71 25.17
C VAL A 68 -16.73 -30.67 24.62
N LEU A 69 -17.20 -29.92 23.63
CA LEU A 69 -16.48 -28.77 23.09
C LEU A 69 -16.99 -27.50 23.71
N CYS A 70 -18.27 -27.24 23.48
CA CYS A 70 -18.94 -26.08 24.02
C CYS A 70 -19.92 -26.56 25.07
N SER A 71 -20.35 -25.66 25.92
CA SER A 71 -21.20 -26.01 27.05
C SER A 71 -22.62 -25.51 26.84
N CYS A 72 -23.58 -26.42 26.70
CA CYS A 72 -24.95 -26.05 26.99
C CYS A 72 -25.55 -27.20 27.79
N SER A 73 -25.88 -26.99 29.06
CA SER A 73 -25.88 -25.74 29.84
C SER A 73 -25.48 -26.29 31.24
N GLU A 74 -26.02 -25.93 32.40
CA GLU A 74 -26.88 -24.77 32.74
C GLU A 74 -26.09 -23.77 33.53
N ASP A 75 -25.00 -24.23 34.15
CA ASP A 75 -24.11 -23.33 34.88
C ASP A 75 -22.93 -22.95 34.03
N CYS A 76 -23.13 -22.02 33.13
CA CYS A 76 -22.14 -21.79 32.11
C CYS A 76 -21.87 -20.30 31.99
N LEU A 77 -22.92 -19.47 32.03
CA LEU A 77 -22.69 -18.03 32.03
C LEU A 77 -21.59 -17.62 33.01
N THR A 78 -21.52 -18.25 34.19
CA THR A 78 -20.46 -17.96 35.15
C THR A 78 -19.41 -19.03 35.31
N LYS A 79 -19.52 -20.17 34.63
CA LYS A 79 -18.38 -21.05 34.57
C LYS A 79 -17.47 -20.69 33.42
N LYS A 80 -17.91 -19.76 32.57
CA LYS A 80 -17.12 -19.15 31.53
C LYS A 80 -16.83 -20.13 30.39
N ASP A 81 -17.81 -20.95 30.03
CA ASP A 81 -17.54 -21.89 28.96
C ASP A 81 -18.63 -22.17 27.91
N CYS A 82 -19.76 -21.48 27.86
CA CYS A 82 -20.81 -22.06 27.02
C CYS A 82 -20.83 -21.45 25.63
N CYS A 83 -21.82 -21.90 24.89
CA CYS A 83 -21.82 -21.74 23.46
C CYS A 83 -22.29 -20.37 23.05
N THR A 84 -21.60 -19.85 22.07
CA THR A 84 -21.87 -18.51 21.62
C THR A 84 -23.35 -18.27 21.31
N ASP A 85 -24.01 -19.23 20.66
CA ASP A 85 -25.42 -19.10 20.36
C ASP A 85 -26.31 -19.68 21.46
N TYR A 86 -25.69 -20.15 22.53
CA TYR A 86 -26.44 -20.72 23.64
C TYR A 86 -27.51 -19.78 24.13
N LYS A 87 -27.11 -18.55 24.46
CA LYS A 87 -28.06 -17.65 25.10
C LYS A 87 -29.25 -17.32 24.21
N SER A 88 -29.13 -17.47 22.89
CA SER A 88 -30.27 -17.28 21.99
C SER A 88 -30.88 -18.56 21.41
N ILE A 89 -30.10 -19.63 21.24
CA ILE A 89 -30.62 -20.90 20.72
C ILE A 89 -30.92 -21.89 21.83
N CYS A 90 -30.48 -21.62 23.05
CA CYS A 90 -30.98 -22.39 24.17
C CYS A 90 -32.04 -21.54 24.86
N LYS A 91 -31.59 -20.70 25.79
CA LYS A 91 -32.35 -19.51 26.16
C LYS A 91 -32.51 -18.64 24.93
N ARG A 92 -33.57 -17.86 24.90
CA ARG A 92 -33.86 -17.04 23.75
C ARG A 92 -33.89 -15.53 23.90
N GLU A 93 -32.79 -14.92 23.49
CA GLU A 93 -32.68 -13.48 23.41
C GLU A 93 -32.29 -13.20 21.96
N THR A 94 -32.36 -11.94 21.56
CA THR A 94 -31.94 -11.59 20.20
C THR A 94 -30.59 -12.22 19.89
N SER A 95 -30.52 -12.96 18.79
CA SER A 95 -29.23 -13.38 18.27
C SER A 95 -28.54 -12.19 17.64
N TRP A 96 -27.22 -12.11 17.79
CA TRP A 96 -26.49 -11.02 17.17
C TRP A 96 -26.93 -10.90 15.72
N LEU A 97 -26.66 -11.95 14.92
CA LEU A 97 -26.99 -11.96 13.51
C LEU A 97 -28.40 -11.45 13.22
N LYS A 98 -29.40 -11.94 13.96
CA LYS A 98 -30.81 -11.59 13.69
C LYS A 98 -31.19 -10.28 14.37
N ASP A 99 -30.20 -9.50 14.78
CA ASP A 99 -30.39 -8.28 15.58
C ASP A 99 -30.17 -7.06 14.69
N GLN A 100 -30.87 -5.96 14.96
CA GLN A 100 -30.65 -4.81 14.11
C GLN A 100 -29.30 -4.19 14.42
N CYS A 101 -28.96 -3.19 13.62
CA CYS A 101 -27.71 -2.49 13.78
C CYS A 101 -27.99 -1.21 14.55
N ALA A 102 -27.79 -1.29 15.84
CA ALA A 102 -28.08 -0.17 16.68
C ALA A 102 -26.98 -0.09 17.74
N SER A 103 -26.59 1.10 18.15
CA SER A 103 -27.14 2.36 17.66
C SER A 103 -26.31 3.52 18.23
N SER A 107 -24.28 2.63 26.00
CA SER A 107 -23.79 1.58 25.12
C SER A 107 -22.25 1.46 25.18
N GLN A 108 -21.76 0.57 26.04
CA GLN A 108 -20.33 0.45 26.33
C GLN A 108 -20.01 -0.94 26.91
N CYS A 109 -18.71 -1.14 27.24
CA CYS A 109 -18.19 -2.27 27.99
C CYS A 109 -18.70 -2.39 29.44
N PRO A 110 -18.54 -3.57 30.03
CA PRO A 110 -18.62 -3.72 31.49
C PRO A 110 -17.49 -3.01 32.23
N GLU A 111 -17.69 -2.87 33.55
CA GLU A 111 -16.75 -2.12 34.39
C GLU A 111 -15.43 -2.87 34.57
N GLY A 112 -15.47 -4.20 34.58
CA GLY A 112 -14.25 -4.98 34.64
C GLY A 112 -13.43 -4.75 33.40
N PHE A 113 -13.93 -3.88 32.52
CA PHE A 113 -13.27 -3.48 31.29
C PHE A 113 -13.14 -1.97 31.35
N ASP A 114 -11.96 -1.49 31.68
CA ASP A 114 -11.74 -0.05 31.71
C ASP A 114 -11.64 0.53 30.29
N GLN A 115 -10.64 0.09 29.54
CA GLN A 115 -10.39 0.59 28.20
C GLN A 115 -10.79 -0.42 27.11
N SER A 116 -11.21 0.15 25.98
CA SER A 116 -11.78 -0.60 24.85
C SER A 116 -10.77 -1.60 24.26
N PRO A 117 -11.07 -2.90 24.27
CA PRO A 117 -10.15 -3.88 23.69
C PRO A 117 -10.14 -3.84 22.17
N LEU A 118 -9.10 -4.46 21.63
CA LEU A 118 -8.92 -4.53 20.19
C LEU A 118 -8.64 -5.96 19.76
N ILE A 119 -9.40 -6.42 18.76
CA ILE A 119 -9.20 -7.73 18.15
C ILE A 119 -8.86 -7.53 16.69
N LEU A 120 -7.75 -8.16 16.27
CA LEU A 120 -7.29 -8.12 14.90
C LEU A 120 -7.54 -9.49 14.32
N PHE A 121 -8.48 -9.57 13.39
CA PHE A 121 -8.96 -10.85 12.86
C PHE A 121 -8.60 -10.91 11.38
N SER A 122 -7.74 -11.87 11.03
CA SER A 122 -7.24 -12.09 9.68
C SER A 122 -7.81 -13.39 9.13
N MET A 123 -8.43 -13.31 7.96
CA MET A 123 -8.84 -14.47 7.19
C MET A 123 -7.97 -14.47 5.96
N ASP A 124 -6.87 -15.21 6.03
CA ASP A 124 -5.88 -15.26 4.96
C ASP A 124 -6.44 -15.56 3.58
N GLY A 125 -6.14 -14.69 2.63
CA GLY A 125 -6.55 -14.90 1.26
C GLY A 125 -7.95 -14.43 0.93
N PHE A 126 -8.49 -13.51 1.71
CA PHE A 126 -9.84 -12.97 1.50
C PHE A 126 -9.72 -11.73 0.65
N ARG A 127 -10.03 -11.85 -0.64
CA ARG A 127 -9.87 -10.73 -1.56
C ARG A 127 -11.09 -9.83 -1.51
N ALA A 128 -10.89 -8.57 -1.85
CA ALA A 128 -11.98 -7.61 -1.78
C ALA A 128 -13.16 -8.05 -2.62
N GLU A 129 -12.92 -8.78 -3.71
CA GLU A 129 -14.00 -9.08 -4.64
C GLU A 129 -14.97 -10.08 -4.03
N TYR A 130 -14.44 -11.04 -3.25
CA TYR A 130 -15.29 -12.01 -2.58
C TYR A 130 -16.43 -11.32 -1.86
N LEU A 131 -16.14 -10.18 -1.22
CA LEU A 131 -17.11 -9.47 -0.42
C LEU A 131 -18.19 -8.85 -1.27
N GLU A 132 -17.80 -8.05 -2.25
CA GLU A 132 -18.76 -7.35 -3.08
C GLU A 132 -19.68 -8.35 -3.78
N THR A 133 -19.14 -9.47 -4.21
CA THR A 133 -19.92 -10.42 -4.98
C THR A 133 -20.80 -11.32 -4.11
N TRP A 134 -20.23 -11.90 -3.04
CA TRP A 134 -20.93 -12.90 -2.23
C TRP A 134 -21.48 -12.36 -0.90
N ASP A 135 -21.56 -11.04 -0.68
CA ASP A 135 -21.95 -10.54 0.63
C ASP A 135 -23.16 -11.28 1.21
N THR A 136 -24.16 -11.61 0.38
CA THR A 136 -25.36 -12.31 0.85
C THR A 136 -25.10 -13.73 1.34
N LEU A 137 -23.98 -14.34 0.96
CA LEU A 137 -23.64 -15.69 1.39
C LEU A 137 -22.87 -15.70 2.70
N MET A 138 -22.56 -14.53 3.22
CA MET A 138 -21.81 -14.39 4.47
C MET A 138 -22.66 -13.47 5.34
N PRO A 139 -23.73 -13.99 5.95
CA PRO A 139 -24.63 -13.13 6.74
C PRO A 139 -23.95 -12.32 7.83
N ASN A 140 -23.00 -12.90 8.56
CA ASN A 140 -22.41 -12.20 9.70
C ASN A 140 -21.42 -11.13 9.27
N ILE A 141 -20.58 -11.45 8.28
CA ILE A 141 -19.72 -10.42 7.69
C ILE A 141 -20.57 -9.34 7.07
N ASN A 142 -21.72 -9.70 6.53
CA ASN A 142 -22.56 -8.71 5.86
C ASN A 142 -23.20 -7.77 6.87
N LYS A 143 -23.80 -8.31 7.94
CA LYS A 143 -24.29 -7.49 9.04
C LYS A 143 -23.19 -6.54 9.51
N LEU A 144 -22.01 -7.11 9.74
CA LEU A 144 -20.88 -6.34 10.24
C LEU A 144 -20.55 -5.17 9.31
N LYS A 145 -20.46 -5.44 8.00
CA LYS A 145 -20.19 -4.39 7.01
C LYS A 145 -21.30 -3.35 6.98
N THR A 146 -22.54 -3.82 6.96
CA THR A 146 -23.67 -2.92 6.89
C THR A 146 -23.59 -1.90 8.03
N CYS A 147 -23.24 -2.37 9.23
CA CYS A 147 -23.23 -1.49 10.39
C CYS A 147 -21.89 -1.13 10.99
N GLY A 148 -20.84 -1.77 10.55
CA GLY A 148 -19.53 -1.35 10.99
C GLY A 148 -19.06 -0.19 10.14
N THR A 149 -17.75 -0.05 10.08
CA THR A 149 -17.09 0.88 9.17
C THR A 149 -16.21 0.04 8.25
N HIS A 150 -16.54 0.02 6.96
CA HIS A 150 -15.83 -0.87 6.03
C HIS A 150 -15.23 -0.08 4.87
N ALA A 151 -14.15 -0.63 4.32
CA ALA A 151 -13.49 -0.05 3.15
C ALA A 151 -13.90 -0.79 1.89
N LYS A 152 -13.93 -0.06 0.77
CA LYS A 152 -14.15 -0.69 -0.52
C LYS A 152 -13.20 -1.87 -0.70
N TYR A 153 -11.92 -1.63 -0.46
CA TYR A 153 -10.90 -2.66 -0.42
C TYR A 153 -9.75 -2.12 0.41
N MET A 154 -8.82 -2.99 0.77
CA MET A 154 -7.59 -2.56 1.45
C MET A 154 -6.37 -3.10 0.71
N ARG A 155 -5.43 -2.24 0.39
CA ARG A 155 -4.25 -2.75 -0.30
C ARG A 155 -3.25 -3.46 0.59
N ALA A 156 -2.55 -4.40 -0.09
CA ALA A 156 -1.43 -5.14 0.44
C ALA A 156 -0.17 -4.42 0.04
N VAL A 157 0.96 -4.95 0.51
CA VAL A 157 2.29 -4.48 0.11
C VAL A 157 2.90 -5.54 -0.79
N TYR A 158 3.78 -5.10 -1.66
CA TYR A 158 4.44 -6.02 -2.56
C TYR A 158 5.64 -6.70 -1.90
N PRO A 159 5.80 -8.02 -2.11
CA PRO A 159 4.91 -8.91 -2.85
C PRO A 159 3.73 -9.37 -2.00
N THR A 160 2.62 -9.78 -2.60
CA THR A 160 1.45 -10.07 -1.78
C THR A 160 1.55 -11.52 -1.34
N LYS A 161 2.20 -11.71 -0.19
CA LYS A 161 2.41 -13.02 0.41
C LYS A 161 1.83 -12.97 1.81
N THR A 162 1.82 -14.13 2.47
CA THR A 162 1.18 -14.20 3.79
C THR A 162 1.99 -13.44 4.86
N PHE A 163 3.29 -13.73 4.97
CA PHE A 163 4.07 -13.11 6.04
C PHE A 163 4.43 -11.66 5.72
N VAL A 164 4.74 -11.35 4.47
CA VAL A 164 5.07 -9.96 4.13
C VAL A 164 3.97 -9.06 4.67
N ASN A 165 2.73 -9.38 4.32
CA ASN A 165 1.62 -8.49 4.62
C ASN A 165 1.12 -8.62 6.04
N HIS A 166 1.12 -9.81 6.63
CA HIS A 166 0.75 -9.92 8.03
C HIS A 166 1.68 -9.09 8.90
N TYR A 167 2.97 -9.39 8.85
CA TYR A 167 3.89 -8.63 9.68
C TYR A 167 3.86 -7.15 9.33
N THR A 168 3.69 -6.81 8.04
CA THR A 168 3.46 -5.42 7.68
C THR A 168 2.26 -4.85 8.43
N ILE A 169 1.19 -5.63 8.55
CA ILE A 169 -0.03 -5.14 9.17
C ILE A 169 0.22 -4.81 10.63
N VAL A 170 1.03 -5.61 11.34
CA VAL A 170 1.25 -5.33 12.76
C VAL A 170 2.46 -4.44 13.03
N THR A 171 3.28 -4.12 12.02
CA THR A 171 4.35 -3.13 12.20
C THR A 171 4.15 -1.80 11.48
N GLY A 172 3.20 -1.69 10.57
CA GLY A 172 3.08 -0.47 9.80
C GLY A 172 4.22 -0.20 8.84
N LEU A 173 5.05 -1.21 8.53
CA LEU A 173 6.27 -1.04 7.75
C LEU A 173 6.16 -1.76 6.40
N TYR A 174 6.92 -1.25 5.44
CA TYR A 174 7.11 -1.92 4.16
C TYR A 174 7.96 -3.18 4.32
N ALA A 175 7.82 -4.08 3.35
CA ALA A 175 8.63 -5.30 3.33
C ALA A 175 10.10 -4.98 3.48
N GLU A 176 10.62 -4.07 2.64
CA GLU A 176 12.06 -3.81 2.61
C GLU A 176 12.57 -3.25 3.94
N THR A 177 11.72 -2.59 4.73
CA THR A 177 12.18 -2.05 6.02
C THR A 177 12.16 -3.10 7.12
N HIS A 178 11.08 -3.89 7.25
CA HIS A 178 11.03 -4.87 8.34
C HIS A 178 11.71 -6.18 8.00
N GLY A 179 12.01 -6.43 6.73
CA GLY A 179 12.93 -7.48 6.37
C GLY A 179 12.28 -8.77 5.93
N ILE A 180 11.01 -8.99 6.26
CA ILE A 180 10.38 -10.18 5.75
C ILE A 180 9.85 -9.79 4.39
N ILE A 181 10.70 -9.94 3.36
CA ILE A 181 10.37 -9.47 2.03
C ILE A 181 9.79 -10.58 1.18
N ASP A 182 9.85 -11.82 1.65
CA ASP A 182 9.22 -12.92 0.93
C ASP A 182 9.10 -14.12 1.86
N ASN A 183 8.26 -15.07 1.44
CA ASN A 183 8.22 -16.39 2.05
C ASN A 183 9.61 -17.00 2.14
N ASN A 184 10.32 -16.95 1.03
CA ASN A 184 11.66 -17.52 0.95
C ASN A 184 12.64 -16.45 0.57
N MET A 185 13.69 -16.29 1.37
CA MET A 185 14.70 -15.28 1.09
C MET A 185 16.06 -15.74 1.59
N TYR A 186 17.09 -15.09 1.07
CA TYR A 186 18.46 -15.39 1.43
C TYR A 186 19.16 -14.10 1.80
N ASP A 187 19.80 -14.08 2.94
CA ASP A 187 20.52 -12.90 3.38
C ASP A 187 22.02 -13.20 3.31
N VAL A 188 22.74 -12.40 2.51
CA VAL A 188 24.16 -12.65 2.27
C VAL A 188 24.99 -12.29 3.49
N LYS A 189 24.58 -11.27 4.24
CA LYS A 189 25.36 -10.87 5.41
C LYS A 189 25.24 -11.90 6.52
N LEU A 190 24.03 -12.40 6.77
CA LEU A 190 23.87 -13.57 7.63
C LEU A 190 24.33 -14.86 6.95
N ASN A 191 24.42 -14.86 5.62
CA ASN A 191 24.53 -16.10 4.86
C ASN A 191 23.54 -17.11 5.40
N GLN A 192 22.27 -16.80 5.23
CA GLN A 192 21.25 -17.64 5.82
C GLN A 192 20.03 -17.65 4.92
N ASN A 193 19.20 -18.66 5.14
CA ASN A 193 17.97 -18.86 4.39
C ASN A 193 16.75 -18.80 5.29
N PHE A 194 15.67 -18.28 4.73
CA PHE A 194 14.42 -18.13 5.40
C PHE A 194 13.35 -18.82 4.57
N SER A 195 12.57 -19.67 5.24
CA SER A 195 11.51 -20.43 4.60
C SER A 195 10.35 -20.51 5.57
N LEU A 196 9.14 -20.28 5.08
CA LEU A 196 7.97 -20.54 5.91
C LEU A 196 7.79 -22.00 6.25
N SER A 197 8.52 -22.87 5.56
CA SER A 197 8.50 -24.31 5.68
C SER A 197 9.42 -24.81 6.80
N GLY A 198 9.56 -24.04 7.88
CA GLY A 198 10.22 -24.53 9.07
C GLY A 198 11.40 -23.69 9.49
N SER A 199 12.15 -24.25 10.45
CA SER A 199 13.23 -23.57 11.16
C SER A 199 14.48 -23.40 10.26
N ASN A 200 15.28 -22.35 10.47
CA ASN A 200 15.03 -21.32 11.47
C ASN A 200 14.38 -20.10 10.84
N MET A 201 13.05 -20.04 10.96
CA MET A 201 12.27 -18.83 10.74
C MET A 201 12.11 -18.00 12.00
N ARG A 202 12.21 -18.63 13.17
CA ARG A 202 12.05 -17.92 14.43
C ARG A 202 13.32 -17.22 14.84
N ASN A 203 14.32 -17.25 13.98
CA ASN A 203 15.54 -16.51 14.25
C ASN A 203 15.22 -15.01 14.17
N ALA A 204 15.45 -14.30 15.27
CA ALA A 204 15.02 -12.91 15.37
C ALA A 204 15.76 -12.04 14.38
N ALA A 205 16.92 -12.49 13.91
CA ALA A 205 17.72 -11.69 12.99
C ALA A 205 16.96 -11.27 11.73
N TRP A 206 15.87 -11.97 11.38
CA TRP A 206 15.12 -11.64 10.18
C TRP A 206 14.12 -10.50 10.40
N TRP A 207 13.53 -10.41 11.59
CA TRP A 207 12.36 -9.56 11.83
C TRP A 207 12.79 -8.21 12.38
N GLY A 208 12.59 -7.16 11.58
CA GLY A 208 12.83 -5.82 12.04
C GLY A 208 11.55 -5.17 12.55
N GLY A 209 11.75 -4.08 13.25
CA GLY A 209 10.64 -3.25 13.65
C GLY A 209 10.04 -3.66 14.98
N GLN A 210 8.79 -3.25 15.14
CA GLN A 210 8.05 -3.36 16.40
C GLN A 210 6.65 -3.89 16.14
N PRO A 211 6.39 -5.19 16.28
CA PRO A 211 5.01 -5.66 16.17
C PRO A 211 4.10 -4.96 17.17
N ILE A 212 2.80 -4.98 16.86
CA ILE A 212 1.82 -4.29 17.69
C ILE A 212 1.82 -4.87 19.11
N TRP A 213 2.01 -6.19 19.23
CA TRP A 213 1.95 -6.81 20.55
C TRP A 213 3.09 -6.34 21.45
N HIS A 214 4.28 -6.09 20.89
CA HIS A 214 5.32 -5.51 21.71
C HIS A 214 5.07 -4.03 22.00
N THR A 215 4.46 -3.31 21.06
CA THR A 215 4.06 -1.94 21.37
C THR A 215 3.09 -1.93 22.55
N ALA A 216 2.22 -2.93 22.65
CA ALA A 216 1.35 -3.05 23.83
C ALA A 216 2.13 -3.47 25.06
N SER A 217 3.15 -4.33 24.90
CA SER A 217 3.87 -4.82 26.07
C SER A 217 4.76 -3.76 26.68
N TYR A 218 5.47 -3.00 25.84
CA TYR A 218 6.40 -1.98 26.33
C TYR A 218 5.68 -0.86 27.05
N GLN A 219 4.51 -0.47 26.55
CA GLN A 219 3.78 0.67 27.09
C GLN A 219 2.75 0.23 28.13
N GLY A 220 2.77 -1.02 28.55
CA GLY A 220 2.05 -1.46 29.72
C GLY A 220 0.79 -2.28 29.52
N LEU A 221 0.56 -2.87 28.35
CA LEU A 221 -0.65 -3.63 28.10
C LEU A 221 -0.35 -5.08 27.79
N LYS A 222 -1.37 -5.92 27.96
CA LYS A 222 -1.29 -7.34 27.65
C LYS A 222 -1.71 -7.58 26.20
N ALA A 223 -0.91 -8.37 25.49
CA ALA A 223 -1.22 -8.70 24.10
C ALA A 223 -1.16 -10.21 23.94
N ALA A 224 -2.25 -10.79 23.43
CA ALA A 224 -2.35 -12.22 23.20
C ALA A 224 -2.65 -12.51 21.73
N THR A 225 -1.95 -13.47 21.17
CA THR A 225 -2.07 -13.78 19.76
C THR A 225 -2.48 -15.22 19.58
N TYR A 226 -3.64 -15.45 18.99
CA TYR A 226 -3.90 -16.79 18.52
C TYR A 226 -3.38 -16.77 17.10
N PHE A 227 -2.13 -17.22 16.92
CA PHE A 227 -1.58 -17.28 15.57
C PHE A 227 -1.48 -15.96 14.83
N TRP A 228 -0.27 -15.50 14.65
CA TRP A 228 0.03 -14.44 13.70
C TRP A 228 1.47 -14.65 13.26
N PRO A 229 1.85 -14.36 12.01
CA PRO A 229 3.24 -14.55 11.63
C PRO A 229 4.15 -13.70 12.51
N GLY A 230 5.10 -14.37 13.16
CA GLY A 230 6.00 -13.72 14.08
C GLY A 230 5.62 -13.86 15.55
N SER A 231 4.35 -14.17 15.85
CA SER A 231 3.93 -14.30 17.23
C SER A 231 4.72 -15.35 17.96
N GLU A 232 5.12 -16.41 17.25
CA GLU A 232 5.88 -17.52 17.79
C GLU A 232 7.36 -17.21 17.82
N VAL A 233 7.73 -16.03 17.34
CA VAL A 233 9.11 -15.59 17.19
C VAL A 233 9.42 -14.58 18.27
N LYS A 234 10.67 -14.60 18.73
CA LYS A 234 11.06 -13.69 19.78
C LYS A 234 11.73 -12.56 19.04
N ILE A 235 10.93 -11.55 18.75
CA ILE A 235 11.41 -10.37 18.03
C ILE A 235 11.99 -9.45 19.08
N ASN A 236 13.23 -9.04 18.91
CA ASN A 236 13.85 -8.12 19.85
C ASN A 236 14.02 -8.66 21.27
N GLY A 237 13.87 -9.97 21.45
CA GLY A 237 14.06 -10.58 22.74
C GLY A 237 12.82 -10.70 23.61
N SER A 238 11.63 -10.67 23.03
CA SER A 238 10.45 -11.00 23.80
C SER A 238 9.35 -11.52 22.88
N TYR A 239 8.37 -12.18 23.48
CA TYR A 239 7.19 -12.67 22.79
C TYR A 239 5.99 -11.81 23.09
N PRO A 240 4.89 -12.02 22.38
CA PRO A 240 3.59 -11.51 22.85
C PRO A 240 3.29 -12.10 24.23
N THR A 241 2.68 -11.28 25.08
CA THR A 241 2.42 -11.74 26.44
C THR A 241 1.90 -13.16 26.43
N ILE A 242 0.97 -13.44 25.53
CA ILE A 242 0.45 -14.78 25.33
C ILE A 242 0.53 -15.07 23.85
N TYR A 243 0.87 -16.30 23.51
CA TYR A 243 0.89 -16.68 22.13
C TYR A 243 0.62 -18.17 22.03
N LYS A 244 0.63 -18.67 20.81
CA LYS A 244 0.19 -20.02 20.53
C LYS A 244 1.11 -20.64 19.49
N VAL A 245 1.61 -21.84 19.77
CA VAL A 245 2.36 -22.57 18.78
C VAL A 245 1.43 -22.91 17.62
N TYR A 246 1.88 -22.60 16.42
CA TYR A 246 1.00 -22.64 15.27
C TYR A 246 0.65 -24.07 14.90
N ASN A 247 -0.64 -24.31 14.73
CA ASN A 247 -1.18 -25.56 14.26
C ASN A 247 -2.29 -25.24 13.29
N LYS A 248 -2.20 -25.74 12.08
CA LYS A 248 -3.24 -25.44 11.11
C LYS A 248 -4.44 -26.35 11.28
N SER A 249 -4.25 -27.52 11.89
CA SER A 249 -5.34 -28.44 12.12
C SER A 249 -6.22 -28.00 13.28
N THR A 250 -5.75 -27.07 14.10
CA THR A 250 -6.58 -26.51 15.15
C THR A 250 -7.90 -26.02 14.54
N PRO A 251 -9.05 -26.52 15.01
CA PRO A 251 -10.32 -26.04 14.47
C PRO A 251 -10.48 -24.55 14.71
N PHE A 252 -10.96 -23.85 13.68
CA PHE A 252 -11.19 -22.42 13.78
C PHE A 252 -12.02 -22.08 15.02
N GLU A 253 -13.13 -22.80 15.19
CA GLU A 253 -14.06 -22.51 16.28
C GLU A 253 -13.36 -22.54 17.63
N ALA A 254 -12.52 -23.55 17.85
CA ALA A 254 -11.78 -23.67 19.10
C ALA A 254 -10.84 -22.50 19.28
N ARG A 255 -10.42 -21.90 18.18
CA ARG A 255 -9.66 -20.67 18.34
C ARG A 255 -10.59 -19.62 18.89
N VAL A 256 -11.74 -19.41 18.26
CA VAL A 256 -12.67 -18.40 18.75
C VAL A 256 -12.98 -18.62 20.24
N MET A 257 -12.99 -19.89 20.67
CA MET A 257 -13.33 -20.21 22.06
C MET A 257 -12.19 -19.87 23.00
N GLU A 258 -10.96 -20.27 22.67
CA GLU A 258 -9.84 -19.92 23.53
C GLU A 258 -9.50 -18.42 23.43
N VAL A 259 -10.07 -17.72 22.45
CA VAL A 259 -9.93 -16.28 22.29
C VAL A 259 -10.91 -15.56 23.20
N LEU A 260 -12.15 -16.04 23.23
CA LEU A 260 -13.17 -15.49 24.10
C LEU A 260 -12.84 -15.79 25.56
N LYS A 261 -12.29 -16.97 25.82
CA LYS A 261 -11.87 -17.30 27.17
C LYS A 261 -10.91 -16.23 27.71
N TRP A 262 -10.05 -15.70 26.84
CA TRP A 262 -9.10 -14.70 27.29
C TRP A 262 -9.78 -13.48 27.89
N LEU A 263 -10.93 -13.08 27.36
CA LEU A 263 -11.57 -11.90 27.89
C LEU A 263 -12.43 -12.18 29.11
N ASP A 264 -12.77 -13.44 29.36
CA ASP A 264 -13.32 -13.82 30.66
C ASP A 264 -12.29 -13.72 31.77
N LEU A 265 -11.02 -13.54 31.44
CA LEU A 265 -9.98 -13.62 32.44
C LEU A 265 -10.04 -12.41 33.38
N PRO A 266 -9.43 -12.53 34.56
CA PRO A 266 -9.37 -11.41 35.49
C PRO A 266 -8.87 -10.14 34.82
N LYS A 267 -9.43 -9.00 35.25
CA LYS A 267 -9.13 -7.71 34.65
C LYS A 267 -7.67 -7.35 34.72
N ALA A 268 -6.90 -7.99 35.60
CA ALA A 268 -5.47 -7.71 35.67
C ALA A 268 -4.67 -8.48 34.64
N LYS A 269 -5.03 -9.72 34.37
CA LYS A 269 -4.41 -10.49 33.29
C LYS A 269 -5.32 -10.61 32.08
N ARG A 270 -6.43 -9.89 32.03
CA ARG A 270 -7.26 -9.94 30.84
C ARG A 270 -6.42 -9.32 29.73
N PRO A 271 -6.25 -9.98 28.61
CA PRO A 271 -5.45 -9.38 27.53
C PRO A 271 -6.20 -8.18 26.93
N ASP A 272 -5.45 -7.13 26.62
CA ASP A 272 -6.01 -5.94 26.02
C ASP A 272 -6.00 -5.96 24.51
N PHE A 273 -4.90 -6.39 23.91
CA PHE A 273 -4.82 -6.60 22.47
C PHE A 273 -4.82 -8.08 22.10
N SER A 274 -5.38 -8.37 20.94
CA SER A 274 -5.68 -9.75 20.63
C SER A 274 -5.64 -9.98 19.13
N THR A 275 -5.18 -11.16 18.73
CA THR A 275 -5.22 -11.52 17.32
C THR A 275 -5.90 -12.86 17.07
N LEU A 276 -6.58 -12.93 15.95
CA LEU A 276 -7.29 -14.10 15.47
C LEU A 276 -6.94 -14.35 14.01
N TYR A 277 -6.64 -15.60 13.64
CA TYR A 277 -6.23 -15.86 12.26
C TYR A 277 -6.66 -17.24 11.80
N ILE A 278 -7.16 -17.34 10.57
CA ILE A 278 -7.57 -18.59 9.96
C ILE A 278 -7.01 -18.64 8.54
N GLU A 279 -6.88 -19.83 7.98
CA GLU A 279 -6.19 -20.03 6.70
C GLU A 279 -7.15 -19.99 5.51
N GLU A 280 -8.43 -19.73 5.73
CA GLU A 280 -9.39 -19.68 4.63
C GLU A 280 -9.85 -18.24 4.39
N PRO A 281 -10.25 -17.93 3.15
CA PRO A 281 -10.31 -18.85 2.01
C PRO A 281 -9.04 -18.91 1.21
N ASP A 282 -7.89 -18.83 1.88
CA ASP A 282 -6.60 -18.96 1.19
C ASP A 282 -6.33 -20.40 0.73
N THR A 283 -6.56 -21.38 1.59
CA THR A 283 -6.30 -22.77 1.24
C THR A 283 -7.12 -23.19 0.02
N THR A 284 -8.44 -23.00 0.09
CA THR A 284 -9.32 -23.42 -0.98
C THR A 284 -9.13 -22.55 -2.22
N GLY A 285 -8.85 -21.26 -2.03
CA GLY A 285 -8.50 -20.43 -3.17
C GLY A 285 -7.30 -20.97 -3.91
N HIS A 286 -6.32 -21.50 -3.18
CA HIS A 286 -5.15 -22.09 -3.81
C HIS A 286 -5.50 -23.35 -4.55
N LYS A 287 -6.31 -24.21 -3.93
CA LYS A 287 -6.55 -25.51 -4.57
C LYS A 287 -7.44 -25.37 -5.80
N PHE A 288 -8.58 -24.66 -5.67
CA PHE A 288 -9.58 -24.57 -6.72
C PHE A 288 -9.71 -23.23 -7.43
N GLY A 289 -9.05 -22.18 -6.97
CA GLY A 289 -9.13 -20.89 -7.63
C GLY A 289 -10.19 -20.00 -7.00
N PRO A 290 -10.08 -18.69 -7.22
CA PRO A 290 -11.00 -17.75 -6.54
C PRO A 290 -12.46 -17.85 -7.00
N VAL A 291 -12.74 -18.19 -8.24
CA VAL A 291 -14.11 -18.36 -8.68
C VAL A 291 -14.33 -19.86 -8.73
N SER A 292 -14.93 -20.39 -7.66
CA SER A 292 -15.18 -21.81 -7.52
C SER A 292 -16.23 -22.02 -6.44
N GLY A 293 -16.89 -23.17 -6.47
CA GLY A 293 -17.87 -23.47 -5.45
C GLY A 293 -17.23 -23.74 -4.11
N GLN A 294 -16.12 -24.49 -4.11
CA GLN A 294 -15.41 -24.79 -2.87
C GLN A 294 -14.98 -23.51 -2.16
N VAL A 295 -14.50 -22.51 -2.92
CA VAL A 295 -14.11 -21.23 -2.34
C VAL A 295 -15.29 -20.59 -1.60
N ILE A 296 -16.47 -20.61 -2.23
CA ILE A 296 -17.66 -20.08 -1.58
C ILE A 296 -17.94 -20.83 -0.29
N LYS A 297 -17.80 -22.16 -0.31
CA LYS A 297 -17.96 -22.95 0.92
C LYS A 297 -17.04 -22.45 2.03
N SER A 298 -15.74 -22.34 1.74
CA SER A 298 -14.80 -21.88 2.75
C SER A 298 -15.12 -20.47 3.21
N LEU A 299 -15.75 -19.66 2.34
CA LEU A 299 -16.17 -18.33 2.75
C LEU A 299 -17.27 -18.42 3.80
N GLN A 300 -18.22 -19.32 3.59
CA GLN A 300 -19.24 -19.55 4.62
C GLN A 300 -18.60 -20.02 5.94
N MET A 301 -17.66 -20.95 5.85
CA MET A 301 -16.92 -21.41 7.02
C MET A 301 -16.35 -20.23 7.78
N ALA A 302 -15.73 -19.35 7.02
CA ALA A 302 -15.11 -18.17 7.56
C ALA A 302 -16.14 -17.25 8.23
N ASP A 303 -17.29 -17.05 7.57
CA ASP A 303 -18.36 -16.22 8.12
C ASP A 303 -18.91 -16.79 9.42
N ARG A 304 -18.94 -18.11 9.54
CA ARG A 304 -19.33 -18.76 10.78
C ARG A 304 -18.33 -18.45 11.90
N THR A 305 -17.05 -18.71 11.62
CA THR A 305 -15.99 -18.42 12.55
C THR A 305 -16.19 -17.01 13.09
N LEU A 306 -16.58 -16.07 12.23
CA LEU A 306 -16.81 -14.72 12.72
C LEU A 306 -18.10 -14.62 13.53
N GLY A 307 -19.15 -15.30 13.10
CA GLY A 307 -20.43 -15.16 13.79
C GLY A 307 -20.30 -15.52 15.24
N MET A 308 -19.66 -16.66 15.51
CA MET A 308 -19.36 -17.09 16.87
C MET A 308 -18.75 -15.98 17.68
N LEU A 309 -17.67 -15.40 17.18
CA LEU A 309 -16.98 -14.35 17.89
C LEU A 309 -17.94 -13.22 18.21
N MET A 310 -18.80 -12.85 17.24
CA MET A 310 -19.72 -11.75 17.38
C MET A 310 -20.74 -12.08 18.45
N GLU A 311 -21.02 -13.35 18.59
CA GLU A 311 -21.98 -13.82 19.58
C GLU A 311 -21.39 -13.84 20.97
N GLY A 312 -20.16 -14.35 21.09
CA GLY A 312 -19.51 -14.34 22.39
C GLY A 312 -19.34 -12.88 22.78
N LEU A 313 -19.21 -11.99 21.81
CA LEU A 313 -19.28 -10.59 22.15
C LEU A 313 -20.65 -10.27 22.72
N LYS A 314 -21.70 -10.88 22.14
CA LYS A 314 -23.05 -10.67 22.62
C LYS A 314 -23.34 -11.40 23.95
N GLN A 315 -22.74 -12.57 24.16
CA GLN A 315 -23.04 -13.41 25.30
C GLN A 315 -22.57 -12.69 26.54
N ARG A 316 -21.43 -12.05 26.39
CA ARG A 316 -20.85 -11.20 27.40
C ARG A 316 -21.53 -9.88 27.10
N ASN A 317 -20.99 -8.74 27.54
CA ASN A 317 -21.69 -7.49 27.27
C ASN A 317 -20.81 -6.48 26.52
N LEU A 318 -19.77 -6.95 25.87
CA LEU A 318 -18.78 -6.09 25.23
C LEU A 318 -18.92 -5.95 23.72
N HIS A 319 -19.92 -6.59 23.08
CA HIS A 319 -20.11 -6.55 21.62
C HIS A 319 -19.99 -5.14 21.07
N ASN A 320 -20.51 -4.17 21.82
CA ASN A 320 -20.41 -2.77 21.50
C ASN A 320 -19.21 -2.12 22.16
N CYS A 321 -18.30 -2.92 22.64
CA CYS A 321 -17.11 -2.37 23.25
C CYS A 321 -15.85 -2.84 22.55
N VAL A 322 -15.69 -4.15 22.35
CA VAL A 322 -14.54 -4.62 21.59
C VAL A 322 -14.51 -3.87 20.27
N ASN A 323 -13.40 -3.22 19.99
CA ASN A 323 -13.11 -2.78 18.63
C ASN A 323 -12.56 -3.98 17.87
N LEU A 324 -13.10 -4.23 16.70
CA LEU A 324 -12.71 -5.37 15.90
C LEU A 324 -12.35 -4.90 14.50
N ILE A 325 -11.20 -5.35 14.02
CA ILE A 325 -10.77 -5.16 12.64
C ILE A 325 -10.82 -6.53 11.97
N LEU A 326 -11.62 -6.62 10.91
CA LEU A 326 -11.68 -7.82 10.08
C LEU A 326 -10.94 -7.52 8.78
N LEU A 327 -9.90 -8.30 8.46
CA LEU A 327 -9.18 -8.05 7.22
C LEU A 327 -8.51 -9.32 6.73
N ALA A 328 -7.78 -9.16 5.63
CA ALA A 328 -6.92 -10.19 5.08
C ALA A 328 -5.61 -9.56 4.65
N ASP A 329 -4.62 -10.41 4.49
CA ASP A 329 -3.31 -9.96 4.06
C ASP A 329 -3.21 -9.76 2.55
N HIS A 330 -4.01 -10.47 1.75
CA HIS A 330 -3.87 -10.41 0.30
C HIS A 330 -5.13 -10.98 -0.32
N GLY A 331 -5.17 -10.95 -1.66
CA GLY A 331 -6.26 -11.51 -2.43
C GLY A 331 -5.93 -12.90 -2.95
N MET A 332 -6.63 -13.29 -4.02
CA MET A 332 -6.42 -14.57 -4.66
C MET A 332 -6.66 -14.42 -6.16
N GLU A 333 -5.76 -14.97 -6.97
CA GLU A 333 -5.92 -14.90 -8.42
C GLU A 333 -5.88 -16.29 -9.01
N ALA A 334 -6.70 -16.51 -10.04
CA ALA A 334 -6.75 -17.79 -10.70
C ALA A 334 -5.54 -17.98 -11.61
N ILE A 335 -4.96 -19.18 -11.55
CA ILE A 335 -3.78 -19.54 -12.32
C ILE A 335 -4.12 -20.75 -13.20
N SER A 336 -3.21 -21.06 -14.12
CA SER A 336 -3.38 -22.22 -14.98
C SER A 336 -2.01 -22.75 -15.39
N CYS A 337 -1.95 -24.06 -15.61
CA CYS A 337 -0.83 -24.64 -16.35
C CYS A 337 -0.74 -24.10 -17.79
N ASN A 338 -1.80 -23.52 -18.32
CA ASN A 338 -1.72 -22.95 -19.65
C ASN A 338 -1.07 -21.57 -19.67
N ARG A 339 -0.94 -20.91 -18.52
CA ARG A 339 -0.34 -19.58 -18.48
C ARG A 339 0.91 -19.62 -17.60
N LEU A 340 2.05 -19.95 -18.21
CA LEU A 340 3.33 -20.02 -17.52
C LEU A 340 4.40 -19.52 -18.46
N GLU A 341 5.30 -18.71 -17.91
CA GLU A 341 6.52 -18.32 -18.60
C GLU A 341 7.66 -19.17 -18.06
N TYR A 342 8.48 -19.70 -18.97
CA TYR A 342 9.57 -20.60 -18.62
C TYR A 342 10.89 -19.90 -18.92
N MET A 343 11.80 -19.91 -17.95
CA MET A 343 13.13 -19.37 -18.20
C MET A 343 13.85 -20.13 -19.30
N THR A 344 13.46 -21.38 -19.55
CA THR A 344 14.05 -22.13 -20.66
C THR A 344 13.79 -21.47 -22.01
N ASP A 345 12.81 -20.61 -22.12
CA ASP A 345 12.53 -19.93 -23.36
C ASP A 345 13.49 -18.78 -23.60
N TYR A 346 14.00 -18.22 -22.51
CA TYR A 346 14.93 -17.11 -22.61
C TYR A 346 16.37 -17.49 -22.34
N PHE A 347 16.63 -18.68 -21.82
CA PHE A 347 17.99 -19.09 -21.51
C PHE A 347 18.27 -20.43 -22.17
N ASN A 348 19.21 -20.44 -23.11
CA ASN A 348 19.76 -21.70 -23.54
C ASN A 348 20.34 -22.45 -22.35
N THR A 349 20.97 -21.72 -21.43
CA THR A 349 21.46 -22.26 -20.17
C THR A 349 20.69 -21.59 -19.04
N VAL A 350 19.87 -22.36 -18.32
CA VAL A 350 19.28 -21.85 -17.08
C VAL A 350 20.23 -22.27 -15.97
N ASP A 351 21.05 -21.32 -15.50
CA ASP A 351 22.01 -21.59 -14.44
C ASP A 351 21.91 -20.41 -13.47
N PHE A 352 21.06 -20.55 -12.46
CA PHE A 352 20.86 -19.51 -11.46
C PHE A 352 19.71 -19.93 -10.55
N PHE A 353 19.62 -19.29 -9.40
CA PHE A 353 18.51 -19.55 -8.50
C PHE A 353 17.35 -18.63 -8.81
N MET A 354 16.14 -19.20 -8.81
CA MET A 354 14.93 -18.45 -9.10
C MET A 354 13.93 -18.67 -7.96
N TYR A 355 13.43 -17.57 -7.40
CA TYR A 355 12.20 -17.59 -6.61
C TYR A 355 11.04 -17.47 -7.58
N GLU A 356 10.21 -18.51 -7.64
CA GLU A 356 9.27 -18.72 -8.72
C GLU A 356 7.88 -18.27 -8.31
N GLY A 357 7.09 -17.81 -9.27
CA GLY A 357 5.69 -17.54 -8.96
C GLY A 357 5.14 -16.29 -9.60
N ALA A 358 4.20 -15.67 -8.89
CA ALA A 358 3.67 -14.36 -9.27
C ALA A 358 4.56 -13.20 -8.87
N ALA A 359 5.64 -13.43 -8.09
CA ALA A 359 6.53 -12.37 -7.63
C ALA A 359 7.98 -12.86 -7.64
N PRO A 360 8.49 -13.20 -8.82
CA PRO A 360 9.74 -13.94 -8.87
C PRO A 360 10.97 -13.06 -8.66
N ARG A 361 12.06 -13.72 -8.27
CA ARG A 361 13.35 -13.08 -8.12
C ARG A 361 14.41 -14.03 -8.67
N ILE A 362 15.56 -13.48 -9.03
CA ILE A 362 16.65 -14.27 -9.58
C ILE A 362 17.95 -13.86 -8.90
N ARG A 363 18.69 -14.85 -8.43
CA ARG A 363 19.96 -14.63 -7.78
C ARG A 363 20.92 -15.72 -8.22
N SER A 364 22.09 -15.75 -7.62
CA SER A 364 23.11 -16.72 -7.94
C SER A 364 22.88 -18.02 -7.18
N LYS A 365 23.24 -19.12 -7.83
CA LYS A 365 23.26 -20.42 -7.15
C LYS A 365 24.40 -20.51 -6.16
N ASN A 366 25.51 -19.84 -6.45
CA ASN A 366 26.68 -19.96 -5.61
C ASN A 366 26.72 -18.71 -4.74
N VAL A 367 26.29 -18.90 -3.51
CA VAL A 367 26.28 -17.88 -2.50
C VAL A 367 26.99 -18.46 -1.30
N PRO A 368 27.63 -17.61 -0.50
CA PRO A 368 27.72 -16.14 -0.64
C PRO A 368 28.61 -15.63 -1.79
N LYS A 369 29.66 -16.38 -2.07
CA LYS A 369 30.78 -15.95 -2.90
C LYS A 369 30.43 -15.08 -4.10
N ASP A 370 29.48 -15.52 -4.92
CA ASP A 370 29.15 -14.84 -6.16
C ASP A 370 27.88 -14.00 -6.03
N PHE A 371 27.44 -13.74 -4.80
CA PHE A 371 26.22 -12.97 -4.58
C PHE A 371 26.28 -11.61 -5.27
N TYR A 372 27.28 -10.79 -4.92
CA TYR A 372 27.43 -9.48 -5.54
C TYR A 372 27.97 -9.61 -6.95
N THR A 373 28.93 -10.50 -7.16
CA THR A 373 29.58 -10.65 -8.45
C THR A 373 28.58 -11.06 -9.53
N PHE A 374 27.60 -11.87 -9.17
CA PHE A 374 26.56 -12.30 -10.09
C PHE A 374 26.00 -11.09 -10.82
N ASP A 375 25.92 -11.17 -12.13
CA ASP A 375 25.58 -10.00 -12.94
C ASP A 375 24.07 -9.99 -13.10
N SER A 376 23.42 -9.12 -12.30
CA SER A 376 21.97 -9.01 -12.28
C SER A 376 21.49 -8.20 -13.48
N GLU A 377 22.31 -7.29 -13.98
CA GLU A 377 21.91 -6.49 -15.13
C GLU A 377 21.92 -7.30 -16.42
N ALA A 378 22.92 -8.16 -16.61
CA ALA A 378 22.89 -8.99 -17.80
C ALA A 378 21.70 -9.95 -17.78
N ILE A 379 21.41 -10.50 -16.60
CA ILE A 379 20.24 -11.35 -16.44
C ILE A 379 18.96 -10.59 -16.78
N VAL A 380 18.86 -9.32 -16.36
CA VAL A 380 17.71 -8.50 -16.78
C VAL A 380 17.73 -8.22 -18.27
N LYS A 381 18.92 -8.02 -18.84
CA LYS A 381 19.06 -7.61 -20.23
C LYS A 381 18.74 -8.74 -21.18
N LYS A 382 18.97 -9.98 -20.76
CA LYS A 382 18.59 -11.13 -21.57
C LYS A 382 17.10 -11.44 -21.47
N LEU A 383 16.45 -11.06 -20.39
CA LEU A 383 15.03 -11.28 -20.22
C LEU A 383 14.19 -10.15 -20.80
N THR A 384 14.80 -9.22 -21.52
CA THR A 384 14.16 -7.96 -21.92
C THR A 384 13.86 -7.97 -23.42
N CYS A 385 12.57 -7.87 -23.76
CA CYS A 385 12.10 -7.64 -25.14
C CYS A 385 12.45 -8.80 -26.05
N ARG A 386 12.38 -10.03 -25.52
CA ARG A 386 12.79 -11.18 -26.31
C ARG A 386 11.66 -11.74 -27.17
N LYS A 387 10.48 -11.83 -26.63
CA LYS A 387 9.32 -12.22 -27.43
C LYS A 387 8.39 -11.02 -27.55
N PRO A 388 7.63 -10.93 -28.64
CA PRO A 388 6.85 -9.70 -28.84
C PRO A 388 5.89 -9.43 -27.72
N LYS A 389 5.24 -10.46 -27.14
CA LYS A 389 4.42 -10.25 -25.96
C LYS A 389 4.82 -11.29 -24.94
N GLN A 390 5.70 -10.89 -24.04
CA GLN A 390 6.00 -11.69 -22.87
C GLN A 390 4.96 -11.36 -21.82
N HIS A 391 4.73 -12.29 -20.90
CA HIS A 391 3.72 -12.09 -19.87
C HIS A 391 4.34 -11.60 -18.57
N PHE A 392 5.55 -11.04 -18.63
CA PHE A 392 6.20 -10.54 -17.44
C PHE A 392 7.18 -9.46 -17.86
N LYS A 393 7.83 -8.85 -16.88
CA LYS A 393 8.85 -7.88 -17.18
C LYS A 393 9.96 -7.92 -16.14
N ALA A 394 11.20 -7.91 -16.61
CA ALA A 394 12.33 -7.97 -15.71
C ALA A 394 12.78 -6.55 -15.35
N TYR A 395 13.22 -6.38 -14.11
CA TYR A 395 13.67 -5.11 -13.60
C TYR A 395 14.83 -5.34 -12.66
N LEU A 396 15.73 -4.39 -12.61
CA LEU A 396 16.57 -4.22 -11.44
C LEU A 396 15.70 -3.54 -10.38
N ALA A 397 15.94 -3.87 -9.11
CA ALA A 397 15.03 -3.42 -8.07
C ALA A 397 14.92 -1.90 -8.05
N LYS A 398 16.02 -1.19 -8.27
CA LYS A 398 15.95 0.27 -8.27
C LYS A 398 15.03 0.79 -9.36
N ASP A 399 14.82 0.01 -10.42
CA ASP A 399 14.00 0.43 -11.55
C ASP A 399 12.55 0.03 -11.38
N LEU A 400 12.23 -0.79 -10.39
CA LEU A 400 10.84 -1.07 -10.10
C LEU A 400 10.09 0.24 -9.78
N PRO A 401 8.80 0.30 -10.09
CA PRO A 401 8.00 1.46 -9.68
C PRO A 401 8.15 1.77 -8.19
N LYS A 402 8.45 3.04 -7.91
CA LYS A 402 8.74 3.47 -6.55
C LYS A 402 7.54 3.30 -5.61
N ARG A 403 6.32 3.28 -6.17
CA ARG A 403 5.15 2.99 -5.37
C ARG A 403 5.28 1.68 -4.59
N LEU A 404 6.04 0.72 -5.13
CA LEU A 404 6.21 -0.59 -4.50
C LEU A 404 7.13 -0.55 -3.29
N HIS A 405 8.04 0.42 -3.21
CA HIS A 405 9.00 0.50 -2.13
C HIS A 405 9.69 -0.84 -1.94
N PHE A 406 10.10 -1.46 -3.05
CA PHE A 406 10.78 -2.75 -2.99
C PHE A 406 12.17 -2.60 -3.57
N ALA A 407 13.10 -2.11 -2.75
CA ALA A 407 14.48 -1.95 -3.15
C ALA A 407 15.41 -2.10 -1.95
N ASN A 408 15.19 -1.29 -0.90
CA ASN A 408 16.27 -1.08 0.04
C ASN A 408 16.22 -2.21 1.05
N ASN A 409 16.85 -3.31 0.65
CA ASN A 409 17.15 -4.40 1.57
C ASN A 409 18.14 -5.30 0.88
N ILE A 410 19.05 -5.88 1.66
CA ILE A 410 20.01 -6.81 1.06
C ILE A 410 19.30 -8.08 0.62
N ARG A 411 18.18 -8.42 1.27
CA ARG A 411 17.41 -9.61 0.90
C ARG A 411 16.69 -9.43 -0.43
N ILE A 412 16.37 -8.19 -0.80
CA ILE A 412 15.68 -7.99 -2.06
C ILE A 412 16.76 -8.10 -3.14
N ASP A 413 16.74 -9.22 -3.86
CA ASP A 413 17.69 -9.46 -4.92
C ASP A 413 17.42 -8.48 -6.05
N LYS A 414 18.46 -8.16 -6.80
CA LYS A 414 18.32 -7.12 -7.82
C LYS A 414 17.37 -7.55 -8.92
N VAL A 415 17.57 -8.75 -9.47
CA VAL A 415 16.70 -9.23 -10.53
C VAL A 415 15.30 -9.48 -9.98
N ASN A 416 14.30 -8.84 -10.58
CA ASN A 416 12.90 -8.97 -10.21
C ASN A 416 12.06 -9.16 -11.46
N LEU A 417 11.01 -9.97 -11.37
CA LEU A 417 10.06 -10.13 -12.46
C LEU A 417 8.71 -9.61 -11.99
N MET A 418 8.06 -8.82 -12.85
CA MET A 418 6.67 -8.38 -12.69
C MET A 418 5.81 -9.23 -13.61
N VAL A 419 5.09 -10.15 -13.04
CA VAL A 419 4.31 -11.12 -13.80
C VAL A 419 2.90 -10.59 -14.01
N ASP A 420 2.40 -10.75 -15.23
CA ASP A 420 1.02 -10.40 -15.50
C ASP A 420 0.07 -11.22 -14.65
N ARG A 421 -1.07 -10.62 -14.32
CA ARG A 421 -2.05 -11.32 -13.51
C ARG A 421 -2.52 -12.58 -14.23
N GLN A 422 -2.80 -13.62 -13.44
CA GLN A 422 -3.24 -14.94 -13.85
C GLN A 422 -2.09 -15.76 -14.41
N TRP A 423 -0.93 -15.14 -14.72
CA TRP A 423 0.24 -15.85 -15.22
C TRP A 423 1.23 -16.11 -14.10
N LEU A 424 2.26 -16.89 -14.42
CA LEU A 424 3.35 -17.20 -13.52
C LEU A 424 4.64 -17.30 -14.31
N ALA A 425 5.73 -16.91 -13.69
CA ALA A 425 7.06 -17.01 -14.29
C ALA A 425 7.86 -18.03 -13.49
N VAL A 426 8.27 -19.11 -14.17
CA VAL A 426 8.94 -20.23 -13.53
C VAL A 426 10.12 -20.69 -14.38
N ARG A 427 10.99 -21.46 -13.75
CA ARG A 427 12.24 -21.91 -14.35
C ARG A 427 12.12 -22.87 -15.52
N ASN A 428 11.59 -24.05 -15.25
CA ASN A 428 11.48 -25.05 -16.30
C ASN A 428 10.06 -25.51 -16.56
N LYS A 429 9.92 -26.54 -17.38
CA LYS A 429 8.60 -27.06 -17.73
C LYS A 429 8.12 -28.15 -16.80
N LYS A 430 8.94 -28.56 -15.84
CA LYS A 430 8.52 -29.49 -14.80
C LYS A 430 7.70 -28.82 -13.76
N TYR A 431 7.28 -27.57 -14.04
CA TYR A 431 6.53 -26.80 -13.08
C TYR A 431 5.09 -27.32 -13.01
N LYS A 432 4.65 -27.50 -11.79
CA LYS A 432 3.52 -28.32 -11.35
C LYS A 432 2.50 -27.52 -10.56
N TYR A 433 2.91 -26.66 -9.62
CA TYR A 433 1.87 -25.94 -8.92
C TYR A 433 1.39 -24.84 -9.86
N CYS A 434 0.55 -25.24 -10.80
CA CYS A 434 0.05 -24.36 -11.84
C CYS A 434 -1.46 -24.17 -11.83
N SER A 435 -2.20 -24.91 -11.01
CA SER A 435 -3.64 -24.98 -11.08
C SER A 435 -4.27 -24.36 -9.83
N GLY A 436 -5.49 -23.84 -9.98
CA GLY A 436 -6.12 -23.21 -8.83
C GLY A 436 -5.83 -21.74 -8.78
N GLY A 437 -5.37 -21.24 -7.64
CA GLY A 437 -5.05 -19.83 -7.53
C GLY A 437 -3.82 -19.62 -6.68
N THR A 438 -3.26 -18.42 -6.79
CA THR A 438 -2.15 -18.00 -5.94
C THR A 438 -2.16 -16.48 -5.86
N HIS A 439 -1.17 -15.95 -5.14
CA HIS A 439 -1.01 -14.52 -4.90
C HIS A 439 0.48 -14.17 -4.96
N GLY A 440 0.78 -12.90 -4.74
CA GLY A 440 2.12 -12.36 -4.94
C GLY A 440 2.20 -11.31 -6.02
N TYR A 441 1.14 -11.09 -6.78
CA TYR A 441 1.18 -10.11 -7.85
C TYR A 441 1.27 -8.70 -7.26
N ASP A 442 1.31 -7.74 -8.17
CA ASP A 442 1.26 -6.32 -7.85
C ASP A 442 0.07 -6.01 -6.95
N ASN A 443 0.31 -5.21 -5.90
CA ASN A 443 -0.77 -4.78 -5.02
C ASN A 443 -1.78 -3.86 -5.69
N GLU A 444 -1.52 -3.40 -6.92
CA GLU A 444 -2.53 -2.66 -7.67
C GLU A 444 -3.57 -3.55 -8.33
N PHE A 445 -3.29 -4.85 -8.47
CA PHE A 445 -4.26 -5.75 -9.10
C PHE A 445 -5.49 -5.93 -8.21
N LYS A 446 -6.66 -5.88 -8.84
CA LYS A 446 -7.90 -6.07 -8.10
C LYS A 446 -7.87 -7.37 -7.33
N SER A 447 -7.55 -8.47 -8.03
CA SER A 447 -7.56 -9.78 -7.41
C SER A 447 -6.73 -9.86 -6.14
N MET A 448 -5.77 -8.95 -5.96
CA MET A 448 -4.90 -8.99 -4.80
C MET A 448 -5.40 -8.14 -3.64
N GLU A 449 -6.37 -7.26 -3.85
CA GLU A 449 -6.90 -6.43 -2.77
C GLU A 449 -7.55 -7.31 -1.71
N ALA A 450 -7.38 -6.94 -0.45
CA ALA A 450 -8.01 -7.63 0.65
C ALA A 450 -9.19 -6.80 1.18
N ILE A 451 -9.93 -7.41 2.12
CA ILE A 451 -11.05 -6.77 2.80
C ILE A 451 -10.55 -5.95 3.99
N PHE A 452 -11.34 -4.95 4.36
CA PHE A 452 -11.23 -4.29 5.65
C PHE A 452 -12.64 -3.98 6.15
N LEU A 453 -12.95 -4.45 7.34
CA LEU A 453 -14.20 -4.18 8.02
C LEU A 453 -13.88 -3.87 9.47
N ALA A 454 -14.74 -3.09 10.11
CA ALA A 454 -14.46 -2.61 11.46
C ALA A 454 -15.76 -2.44 12.23
N HIS A 455 -15.84 -3.00 13.44
CA HIS A 455 -17.01 -2.81 14.30
C HIS A 455 -16.53 -2.46 15.70
N GLY A 456 -17.05 -1.38 16.25
CA GLY A 456 -16.86 -1.08 17.65
C GLY A 456 -16.96 0.39 17.95
N PRO A 457 -17.00 0.72 19.24
CA PRO A 457 -16.92 2.13 19.64
C PRO A 457 -15.61 2.73 19.16
N GLY A 458 -15.65 4.02 18.88
CA GLY A 458 -14.58 4.67 18.16
C GLY A 458 -14.62 4.44 16.67
N PHE A 459 -15.31 3.41 16.19
CA PHE A 459 -15.58 3.26 14.77
C PHE A 459 -17.00 3.74 14.51
N LYS A 460 -17.15 4.62 13.53
CA LYS A 460 -18.47 5.01 13.09
C LYS A 460 -19.23 3.74 12.74
N GLU A 461 -20.56 3.84 12.69
CA GLU A 461 -21.36 2.71 12.27
C GLU A 461 -22.01 3.10 10.95
N LYS A 462 -22.24 2.08 10.12
CA LYS A 462 -22.94 2.24 8.86
C LYS A 462 -22.19 3.22 7.95
N THR A 463 -20.87 3.12 7.99
CA THR A 463 -20.01 3.97 7.19
C THR A 463 -19.14 3.09 6.30
N GLU A 464 -19.07 3.43 5.02
CA GLU A 464 -18.01 2.87 4.21
C GLU A 464 -16.99 3.96 3.88
N VAL A 465 -15.74 3.54 3.76
CA VAL A 465 -14.64 4.42 3.45
C VAL A 465 -13.99 3.94 2.16
N THR A 466 -13.23 4.82 1.54
CA THR A 466 -12.53 4.45 0.33
C THR A 466 -11.37 3.50 0.66
N SER A 467 -10.72 3.02 -0.39
CA SER A 467 -9.59 2.14 -0.22
C SER A 467 -8.43 2.88 0.44
N PHE A 468 -7.74 2.21 1.36
CA PHE A 468 -6.53 2.72 1.96
C PHE A 468 -5.51 1.58 2.01
N GLU A 469 -4.26 1.93 2.22
CA GLU A 469 -3.22 0.91 2.26
C GLU A 469 -3.14 0.27 3.65
N ASN A 470 -2.61 -0.95 3.69
CA ASN A 470 -2.57 -1.69 4.94
C ASN A 470 -1.52 -1.15 5.90
N ILE A 471 -0.50 -0.45 5.40
CA ILE A 471 0.50 0.17 6.26
C ILE A 471 -0.08 1.26 7.16
N GLU A 472 -1.33 1.67 6.94
CA GLU A 472 -2.00 2.59 7.85
C GLU A 472 -2.51 1.90 9.11
N VAL A 473 -2.90 0.62 8.98
CA VAL A 473 -3.63 -0.06 10.06
C VAL A 473 -2.87 0.00 11.38
N TYR A 474 -1.54 -0.16 11.33
CA TYR A 474 -0.75 -0.13 12.55
C TYR A 474 -1.04 1.13 13.37
N ASN A 475 -0.89 2.30 12.74
CA ASN A 475 -1.17 3.53 13.48
C ASN A 475 -2.55 3.44 14.09
N LEU A 476 -3.53 3.05 13.26
CA LEU A 476 -4.91 2.98 13.70
C LEU A 476 -5.02 2.17 14.98
N MET A 477 -4.44 0.97 14.99
CA MET A 477 -4.52 0.13 16.18
C MET A 477 -3.95 0.87 17.39
N CYS A 478 -2.75 1.44 17.25
CA CYS A 478 -2.19 2.21 18.35
C CYS A 478 -3.12 3.34 18.76
N ASP A 479 -3.75 4.01 17.79
CA ASP A 479 -4.67 5.09 18.14
C ASP A 479 -5.87 4.56 18.92
N LEU A 480 -6.35 3.35 18.56
CA LEU A 480 -7.45 2.76 19.31
C LEU A 480 -7.01 2.30 20.68
N LEU A 481 -5.78 1.84 20.80
CA LEU A 481 -5.25 1.35 22.05
C LEU A 481 -4.63 2.44 22.90
N LYS A 482 -4.72 3.70 22.47
CA LYS A 482 -4.19 4.83 23.19
C LYS A 482 -2.67 4.83 23.27
N LEU A 483 -2.01 4.14 22.35
CA LEU A 483 -0.57 4.03 22.41
C LEU A 483 0.08 5.05 21.51
N LYS A 484 1.40 5.06 21.61
CA LYS A 484 2.26 5.89 20.83
C LYS A 484 2.99 4.94 19.91
N PRO A 485 2.73 4.98 18.62
CA PRO A 485 3.29 3.97 17.72
C PRO A 485 4.75 4.24 17.42
N ALA A 486 5.49 3.15 17.21
CA ALA A 486 6.87 3.26 16.77
C ALA A 486 6.92 3.85 15.37
N PRO A 487 8.08 4.38 14.97
CA PRO A 487 8.20 4.94 13.61
C PRO A 487 7.85 3.91 12.54
N ASN A 488 6.96 4.34 11.64
CA ASN A 488 6.44 3.51 10.56
C ASN A 488 6.17 4.27 9.31
N ASN A 489 5.71 3.54 8.29
CA ASN A 489 5.44 4.14 6.99
C ASN A 489 4.04 4.73 6.80
N GLY A 490 3.14 4.44 7.73
CA GLY A 490 1.79 4.94 7.64
C GLY A 490 1.80 6.41 8.00
N THR A 491 0.81 7.16 7.56
CA THR A 491 0.76 8.60 7.78
C THR A 491 -0.30 8.87 8.84
N HIS A 492 0.16 9.21 10.04
CA HIS A 492 -0.72 9.26 11.20
C HIS A 492 -1.83 10.28 11.01
N GLY A 493 -3.07 9.84 11.23
CA GLY A 493 -4.25 10.68 11.13
C GLY A 493 -5.03 10.52 9.84
N SER A 494 -4.48 9.82 8.84
CA SER A 494 -5.17 9.69 7.56
C SER A 494 -6.41 8.81 7.64
N LEU A 495 -6.52 7.99 8.68
CA LEU A 495 -7.67 7.12 8.90
C LEU A 495 -8.68 7.71 9.89
N ASN A 496 -8.52 8.98 10.28
CA ASN A 496 -9.45 9.56 11.25
C ASN A 496 -10.86 9.65 10.72
N HIS A 497 -11.08 9.47 9.42
CA HIS A 497 -12.43 9.42 8.89
C HIS A 497 -13.16 8.14 9.25
N LEU A 498 -12.46 7.14 9.80
CA LEU A 498 -13.08 5.93 10.31
C LEU A 498 -13.47 6.03 11.77
N LEU A 499 -13.05 7.08 12.47
CA LEU A 499 -13.03 7.10 13.93
C LEU A 499 -14.00 8.13 14.49
N LYS A 500 -14.88 7.67 15.38
CA LYS A 500 -15.77 8.55 16.13
C LYS A 500 -15.00 9.63 16.87
N ASN A 501 -13.97 9.23 17.63
CA ASN A 501 -13.14 10.15 18.40
C ASN A 501 -11.68 9.95 18.01
N PRO A 502 -11.19 10.65 16.99
CA PRO A 502 -9.82 10.39 16.55
C PRO A 502 -8.83 10.69 17.67
N PHE A 503 -8.04 9.67 18.00
CA PHE A 503 -7.14 9.75 19.13
C PHE A 503 -5.99 10.73 18.87
N TYR A 504 -5.50 10.78 17.65
CA TYR A 504 -4.32 11.54 17.32
C TYR A 504 -4.67 12.60 16.29
N ASN A 505 -4.33 13.85 16.61
CA ASN A 505 -4.56 14.96 15.72
C ASN A 505 -3.28 15.26 14.95
N PRO A 506 -3.28 15.24 13.62
CA PRO A 506 -2.05 15.48 12.87
C PRO A 506 -1.62 16.94 12.89
N SER A 507 -0.30 17.13 12.91
CA SER A 507 0.35 18.44 13.01
C SER A 507 1.10 18.77 11.72
N PRO A 508 0.84 19.92 11.09
CA PRO A 508 1.63 20.28 9.90
C PRO A 508 3.11 20.24 10.19
N ALA A 509 3.87 19.58 9.32
CA ALA A 509 5.32 19.67 9.42
C ALA A 509 5.75 21.09 9.10
N LYS A 510 6.79 21.54 9.81
CA LYS A 510 7.30 22.89 9.62
C LYS A 510 8.25 22.93 8.43
N GLU A 511 8.23 24.05 7.70
CA GLU A 511 9.28 24.28 6.72
C GLU A 511 10.60 24.45 7.45
N GLN A 512 11.62 23.74 7.02
CA GLN A 512 12.93 23.84 7.64
C GLN A 512 13.91 24.61 6.75
N SER A 513 13.48 24.99 5.55
CA SER A 513 14.31 25.75 4.64
C SER A 513 13.48 26.89 4.04
N PRO A 514 13.52 28.09 4.62
CA PRO A 514 12.73 29.20 4.06
C PRO A 514 13.22 29.57 2.67
N PRO A 515 12.43 30.33 1.90
CA PRO A 515 12.94 30.86 0.63
C PRO A 515 14.04 31.89 0.84
N LEU A 516 14.88 31.99 -0.18
CA LEU A 516 15.95 32.96 -0.29
C LEU A 516 15.60 33.78 -1.54
N TYR A 517 16.25 34.90 -1.77
CA TYR A 517 15.92 35.68 -2.92
C TYR A 517 16.88 35.51 -4.02
N CYS A 518 16.31 35.37 -5.20
CA CYS A 518 17.04 35.28 -6.46
C CYS A 518 16.77 36.51 -7.31
N LEU A 519 17.41 37.61 -6.95
CA LEU A 519 17.03 38.96 -7.34
C LEU A 519 17.36 39.30 -8.76
N PHE A 520 16.81 40.43 -9.19
CA PHE A 520 17.00 40.92 -10.55
C PHE A 520 18.38 41.58 -10.71
N GLY A 521 18.91 41.47 -11.93
CA GLY A 521 20.20 42.04 -12.26
C GLY A 521 20.31 42.25 -13.75
N PRO A 522 21.49 42.67 -14.23
CA PRO A 522 21.64 42.95 -15.65
C PRO A 522 22.07 41.75 -16.48
N VAL A 523 22.03 41.96 -17.79
CA VAL A 523 22.62 41.04 -18.77
C VAL A 523 24.13 41.05 -18.60
N PRO A 524 24.80 39.91 -18.45
CA PRO A 524 26.26 39.95 -18.28
C PRO A 524 26.97 40.40 -19.56
N SER A 525 28.04 41.18 -19.38
CA SER A 525 28.96 41.54 -20.46
C SER A 525 30.38 41.09 -20.16
N PRO A 526 30.94 40.16 -20.97
CA PRO A 526 30.33 39.44 -22.09
C PRO A 526 29.51 38.24 -21.62
N ASP A 527 28.58 37.80 -22.46
CA ASP A 527 27.70 36.69 -22.10
C ASP A 527 28.36 35.40 -22.57
N VAL A 528 28.87 34.62 -21.62
CA VAL A 528 29.62 33.41 -21.91
C VAL A 528 28.78 32.15 -21.76
N SER A 529 27.47 32.29 -21.52
CA SER A 529 26.61 31.13 -21.31
C SER A 529 26.58 30.19 -22.50
N GLY A 530 26.92 30.67 -23.70
CA GLY A 530 26.74 29.90 -24.91
C GLY A 530 25.34 29.96 -25.48
N CYS A 531 24.46 30.74 -24.88
CA CYS A 531 23.07 30.83 -25.30
C CYS A 531 22.91 31.73 -26.50
N LYS A 532 21.95 31.38 -27.35
CA LYS A 532 21.59 32.22 -28.48
C LYS A 532 20.09 32.21 -28.70
N CYS A 533 19.52 33.41 -28.84
CA CYS A 533 18.12 33.56 -29.23
C CYS A 533 18.09 34.73 -30.20
N SER A 534 17.88 34.44 -31.49
CA SER A 534 17.97 35.47 -32.52
C SER A 534 16.72 36.29 -32.64
N SER A 535 15.61 35.86 -32.04
CA SER A 535 14.30 36.45 -32.28
C SER A 535 13.98 37.66 -31.40
N ILE A 536 14.66 37.83 -30.26
CA ILE A 536 14.32 38.93 -29.35
C ILE A 536 14.86 40.24 -29.91
N THR A 537 14.02 41.28 -29.84
CA THR A 537 14.34 42.60 -30.34
C THR A 537 14.83 43.55 -29.24
N ASP A 538 14.03 43.77 -28.19
CA ASP A 538 14.48 44.49 -27.00
C ASP A 538 14.67 43.43 -25.90
N LEU A 539 15.94 43.20 -25.52
CA LEU A 539 16.27 42.12 -24.58
C LEU A 539 15.90 42.50 -23.15
N GLU A 540 16.49 43.57 -22.63
CA GLU A 540 16.16 43.99 -21.27
C GLU A 540 14.65 44.12 -21.07
N ALA A 541 13.90 44.43 -22.14
CA ALA A 541 12.44 44.42 -22.08
C ALA A 541 11.90 43.00 -21.88
N VAL A 542 12.38 42.04 -22.67
CA VAL A 542 11.89 40.66 -22.53
C VAL A 542 12.23 40.12 -21.15
N ASN A 543 13.43 40.41 -20.65
CA ASN A 543 13.82 39.99 -19.31
C ASN A 543 13.00 40.71 -18.25
N GLN A 544 12.44 41.88 -18.56
CA GLN A 544 11.65 42.58 -17.57
C GLN A 544 10.37 41.82 -17.17
N ARG A 545 9.95 40.84 -17.96
CA ARG A 545 8.78 40.04 -17.63
C ARG A 545 9.05 38.97 -16.59
N LEU A 546 10.30 38.71 -16.26
CA LEU A 546 10.63 37.87 -15.13
C LEU A 546 10.67 38.67 -13.84
N ASN A 547 10.39 39.97 -13.94
CA ASN A 547 10.40 40.88 -12.80
C ASN A 547 8.99 41.43 -12.67
N LEU A 548 8.16 40.72 -11.91
CA LEU A 548 6.75 41.05 -11.87
C LEU A 548 6.48 42.14 -10.85
N ILE A 549 5.45 42.94 -11.10
CA ILE A 549 4.96 43.82 -10.07
C ILE A 549 4.19 43.01 -9.02
N ASP A 550 4.03 43.60 -7.83
CA ASP A 550 3.59 42.83 -6.69
C ASP A 550 2.21 42.20 -6.91
N GLN A 551 1.39 42.77 -7.77
CA GLN A 551 0.06 42.21 -8.01
C GLN A 551 -0.03 41.30 -9.23
N ALA A 552 0.92 41.37 -10.16
CA ALA A 552 1.01 40.30 -11.15
C ALA A 552 1.47 39.02 -10.47
N LYS A 553 2.41 39.18 -9.54
CA LYS A 553 2.89 38.08 -8.72
C LYS A 553 1.78 37.52 -7.82
N MET A 554 0.85 38.36 -7.39
CA MET A 554 -0.25 37.88 -6.56
C MET A 554 -1.20 37.01 -7.36
N GLN A 555 -1.55 37.47 -8.56
CA GLN A 555 -2.43 36.72 -9.44
C GLN A 555 -1.81 35.39 -9.80
N SER A 556 -0.54 35.41 -10.24
CA SER A 556 0.14 34.16 -10.55
C SER A 556 0.25 33.27 -9.32
N GLU A 557 0.45 33.89 -8.15
CA GLU A 557 0.66 33.13 -6.92
C GLU A 557 -0.59 32.33 -6.56
N ALA A 558 -1.79 32.87 -6.86
CA ALA A 558 -2.99 32.10 -6.59
C ALA A 558 -3.54 31.33 -7.80
N ASP A 559 -3.07 31.63 -9.01
CA ASP A 559 -3.49 30.88 -10.18
C ASP A 559 -2.66 29.63 -10.42
N ASN A 560 -1.36 29.70 -10.12
CA ASN A 560 -0.46 28.57 -10.31
C ASN A 560 -0.02 27.87 -9.04
N LEU A 561 -0.29 28.43 -7.87
CA LEU A 561 -0.09 27.76 -6.57
C LEU A 561 -1.36 27.89 -5.75
N PRO A 562 -2.50 27.44 -6.27
CA PRO A 562 -3.77 27.68 -5.59
C PRO A 562 -3.91 26.91 -4.29
N TYR A 563 -3.20 25.80 -4.15
CA TYR A 563 -3.29 24.96 -2.96
C TYR A 563 -2.22 25.32 -1.93
N GLY A 564 -1.45 26.37 -2.19
CA GLY A 564 -0.33 26.72 -1.35
C GLY A 564 1.00 26.33 -1.99
N ARG A 565 2.02 26.97 -1.54
CA ARG A 565 3.38 26.71 -1.96
C ARG A 565 3.91 25.47 -1.25
N PRO A 566 4.58 24.56 -1.95
CA PRO A 566 5.24 23.46 -1.22
C PRO A 566 6.17 24.02 -0.17
N HIS A 567 5.99 23.54 1.06
CA HIS A 567 7.00 23.77 2.09
C HIS A 567 8.20 22.88 1.79
N VAL A 568 9.39 23.38 2.14
CA VAL A 568 10.63 22.67 1.88
C VAL A 568 11.18 22.20 3.22
N LEU A 569 11.04 20.90 3.49
CA LEU A 569 11.53 20.30 4.72
C LEU A 569 12.98 19.84 4.62
N GLN A 570 13.49 19.70 3.40
CA GLN A 570 14.88 19.39 3.19
C GLN A 570 15.72 20.64 3.36
N HIS A 571 16.91 20.49 3.94
CA HIS A 571 17.80 21.63 3.98
C HIS A 571 18.31 21.86 2.57
N SER A 572 17.91 22.98 1.98
CA SER A 572 18.21 23.28 0.58
C SER A 572 18.32 24.78 0.47
N LYS A 573 19.06 25.22 -0.54
CA LYS A 573 19.17 26.64 -0.82
C LYS A 573 18.38 26.88 -2.10
N TYR A 574 17.18 27.40 -1.94
CA TYR A 574 16.29 27.68 -3.06
C TYR A 574 15.82 29.11 -2.98
N CYS A 575 15.04 29.50 -3.96
CA CYS A 575 14.53 30.85 -4.10
C CYS A 575 13.33 30.77 -5.03
N LEU A 576 12.47 31.79 -4.99
CA LEU A 576 11.20 31.73 -5.71
C LEU A 576 11.23 32.62 -6.96
N LEU A 577 10.89 32.00 -8.08
CA LEU A 577 10.87 32.62 -9.40
C LEU A 577 9.41 32.73 -9.82
N HIS A 578 8.92 33.95 -9.84
CA HIS A 578 7.53 34.25 -10.16
C HIS A 578 7.45 34.69 -11.62
N GLN A 579 6.63 33.98 -12.41
CA GLN A 579 6.30 34.35 -13.77
C GLN A 579 4.78 34.40 -13.87
N THR A 580 4.26 34.84 -15.01
CA THR A 580 2.82 34.94 -15.13
C THR A 580 2.18 33.56 -15.32
N LYS A 581 2.75 32.71 -16.16
CA LYS A 581 2.14 31.41 -16.39
C LYS A 581 2.71 30.28 -15.54
N TYR A 582 3.83 30.48 -14.83
CA TYR A 582 4.36 29.45 -13.96
C TYR A 582 5.17 30.07 -12.83
N ILE A 583 5.43 29.27 -11.81
CA ILE A 583 6.19 29.66 -10.64
C ILE A 583 7.12 28.50 -10.30
N SER A 584 8.34 28.80 -9.85
CA SER A 584 9.22 27.68 -9.51
C SER A 584 10.14 28.07 -8.37
N ALA A 585 10.57 27.07 -7.61
CA ALA A 585 11.59 27.24 -6.59
C ALA A 585 12.89 26.73 -7.15
N TYR A 586 13.81 27.64 -7.45
CA TYR A 586 15.12 27.29 -8.00
C TYR A 586 16.12 27.13 -6.87
N SER A 587 16.81 25.98 -6.86
CA SER A 587 17.81 25.67 -5.86
C SER A 587 19.21 25.69 -6.48
N GLN A 588 20.08 26.53 -5.90
CA GLN A 588 21.47 26.57 -6.35
C GLN A 588 22.20 25.28 -6.03
N ASP A 589 21.60 24.41 -5.22
CA ASP A 589 22.23 23.14 -4.84
C ASP A 589 22.26 22.14 -5.99
N ILE A 590 21.21 22.09 -6.81
CA ILE A 590 21.16 21.19 -7.96
C ILE A 590 21.23 21.92 -9.30
N LEU A 591 21.36 23.24 -9.28
CA LEU A 591 21.42 24.07 -10.49
C LEU A 591 20.13 23.98 -11.30
N MET A 592 19.03 23.61 -10.66
CA MET A 592 17.73 23.52 -11.32
C MET A 592 16.68 23.77 -10.27
N PRO A 593 15.41 23.85 -10.68
CA PRO A 593 14.35 24.01 -9.69
C PRO A 593 14.04 22.71 -8.96
N LEU A 594 13.82 22.84 -7.64
CA LEU A 594 13.25 21.75 -6.87
C LEU A 594 11.83 21.45 -7.32
N TRP A 595 11.06 22.49 -7.62
CA TRP A 595 9.67 22.27 -8.03
C TRP A 595 9.19 23.42 -8.89
N ASN A 596 8.18 23.11 -9.71
CA ASN A 596 7.68 24.02 -10.74
C ASN A 596 6.18 23.83 -10.83
N SER A 597 5.41 24.92 -10.72
CA SER A 597 3.96 24.84 -10.68
C SER A 597 3.34 25.77 -11.72
N TYR A 598 2.34 25.26 -12.42
CA TYR A 598 1.57 26.08 -13.37
C TYR A 598 0.20 25.46 -13.52
N THR A 599 -0.79 26.28 -13.86
CA THR A 599 -2.14 25.80 -14.12
C THR A 599 -2.44 25.97 -15.60
N ILE A 600 -2.99 24.92 -16.21
CA ILE A 600 -3.49 24.98 -17.58
C ILE A 600 -5.00 24.83 -17.52
N SER A 601 -5.72 25.73 -18.18
CA SER A 601 -7.17 25.71 -18.19
C SER A 601 -7.62 25.38 -19.60
N LYS A 602 -8.33 24.26 -19.73
CA LYS A 602 -8.95 23.85 -20.99
C LYS A 602 -9.67 25.03 -21.63
N SER A 603 -9.39 25.36 -22.90
CA SER A 603 -8.27 24.90 -23.75
C SER A 603 -7.59 26.22 -24.23
N LEU A 604 -6.31 26.27 -24.63
CA LEU A 604 -5.33 25.19 -24.86
C LEU A 604 -5.82 24.04 -25.72
N PRO A 612 5.77 21.55 -31.82
CA PRO A 612 5.83 22.76 -32.65
C PRO A 612 6.43 23.93 -31.92
N SER A 613 6.55 23.80 -30.59
CA SER A 613 7.03 24.90 -29.74
C SER A 613 8.13 24.29 -28.86
N ALA A 614 9.36 24.39 -29.33
CA ALA A 614 10.46 23.92 -28.53
C ALA A 614 11.57 24.92 -28.57
N SER A 615 12.73 24.46 -28.12
CA SER A 615 13.95 25.21 -28.02
C SER A 615 14.66 25.52 -29.32
N ASP A 616 14.73 26.80 -29.65
CA ASP A 616 15.43 27.35 -30.80
C ASP A 616 15.85 28.71 -30.26
N CYS A 617 15.23 29.10 -29.16
CA CYS A 617 15.57 30.30 -28.44
C CYS A 617 15.89 29.90 -27.01
N LEU A 618 17.04 30.34 -26.51
CA LEU A 618 17.44 29.98 -25.16
C LEU A 618 18.36 31.08 -24.64
N ARG A 619 18.23 31.37 -23.35
CA ARG A 619 19.01 32.46 -22.78
C ARG A 619 19.06 32.29 -21.28
N LEU A 620 20.09 32.87 -20.69
CA LEU A 620 20.26 32.83 -19.26
C LEU A 620 19.30 33.77 -18.54
N ASP A 621 19.14 33.50 -17.26
CA ASP A 621 18.21 34.20 -16.39
C ASP A 621 19.00 35.26 -15.62
N VAL A 622 18.67 36.53 -15.82
CA VAL A 622 19.37 37.62 -15.14
C VAL A 622 19.20 37.57 -13.63
N ARG A 623 18.31 36.72 -13.12
CA ARG A 623 18.06 36.63 -11.70
C ARG A 623 18.86 35.53 -11.01
N ILE A 624 19.55 34.70 -11.78
CA ILE A 624 20.36 33.62 -11.24
C ILE A 624 21.83 34.02 -11.29
N PRO A 625 22.60 33.81 -10.22
CA PRO A 625 24.05 33.95 -10.33
C PRO A 625 24.62 32.95 -11.32
N THR A 626 25.45 33.46 -12.25
CA THR A 626 26.04 32.62 -13.29
C THR A 626 26.69 31.36 -12.70
N VAL A 627 27.51 31.51 -11.66
CA VAL A 627 28.18 30.37 -11.04
C VAL A 627 27.18 29.30 -10.61
N GLN A 628 25.95 29.71 -10.32
CA GLN A 628 24.90 28.82 -9.84
C GLN A 628 23.92 28.39 -10.93
N SER A 629 24.20 28.72 -12.18
CA SER A 629 23.32 28.36 -13.29
C SER A 629 23.96 27.34 -14.20
N GLN A 630 23.09 26.55 -14.83
CA GLN A 630 23.47 25.74 -15.98
C GLN A 630 23.56 26.66 -17.19
N THR A 631 24.43 26.33 -18.12
CA THR A 631 24.67 27.18 -19.27
C THR A 631 24.27 26.46 -20.53
N CYS A 632 23.99 27.24 -21.57
CA CYS A 632 23.67 26.64 -22.86
C CYS A 632 24.83 25.85 -23.39
N SER A 633 26.05 26.20 -22.99
CA SER A 633 27.24 25.47 -23.39
C SER A 633 27.64 24.39 -22.38
N ASN A 634 26.93 24.29 -21.25
CA ASN A 634 27.07 23.09 -20.43
C ASN A 634 26.50 21.88 -21.14
N TYR A 635 25.44 22.07 -21.94
CA TYR A 635 24.90 20.97 -22.72
C TYR A 635 25.54 21.13 -24.10
N GLN A 636 26.69 20.50 -24.22
CA GLN A 636 27.50 20.49 -25.40
C GLN A 636 27.09 19.35 -26.31
N PRO A 637 27.51 19.39 -27.58
CA PRO A 637 27.29 18.24 -28.45
C PRO A 637 27.99 17.01 -27.88
N ASP A 638 27.78 15.87 -28.54
CA ASP A 638 28.31 14.60 -28.08
C ASP A 638 27.65 14.19 -26.75
N LEU A 639 26.31 14.32 -26.68
CA LEU A 639 25.58 14.08 -25.45
C LEU A 639 24.39 13.16 -25.71
N ALA A 640 24.04 12.38 -24.68
CA ALA A 640 22.77 11.68 -24.60
C ALA A 640 21.75 12.45 -23.77
N ILE A 641 22.06 13.70 -23.42
CA ILE A 641 21.23 14.53 -22.56
C ILE A 641 20.97 15.86 -23.24
N THR A 642 19.73 16.32 -23.20
CA THR A 642 19.32 17.63 -23.66
C THR A 642 18.65 18.39 -22.51
N PRO A 643 18.57 19.71 -22.60
CA PRO A 643 17.73 20.45 -21.65
C PRO A 643 16.27 20.13 -21.94
N GLY A 644 15.56 19.69 -20.91
CA GLY A 644 14.11 19.59 -20.94
C GLY A 644 13.50 20.74 -20.19
N PHE A 645 12.23 21.00 -20.45
CA PHE A 645 11.56 22.16 -19.86
C PHE A 645 10.57 21.70 -18.81
N LEU A 646 10.72 22.22 -17.59
CA LEU A 646 9.80 21.85 -16.52
C LEU A 646 8.42 22.48 -16.73
N TYR A 647 8.38 23.80 -16.93
CA TYR A 647 7.19 24.41 -17.48
C TYR A 647 7.30 24.34 -19.00
N PRO A 648 6.42 23.63 -19.69
CA PRO A 648 6.57 23.50 -21.14
C PRO A 648 6.35 24.84 -21.82
N PRO A 649 7.30 25.28 -22.66
CA PRO A 649 7.00 26.40 -23.56
C PRO A 649 5.89 26.06 -24.54
N ASP A 650 5.57 24.77 -24.67
CA ASP A 650 4.43 24.32 -25.46
C ASP A 650 3.14 25.04 -25.04
N PHE A 651 3.02 25.39 -23.75
CA PHE A 651 1.74 25.80 -23.15
C PHE A 651 1.54 27.31 -23.10
N SER A 652 2.42 28.10 -23.68
CA SER A 652 2.26 29.55 -23.63
C SER A 652 2.05 30.09 -25.03
N SER A 653 1.23 31.14 -25.11
CA SER A 653 0.98 31.83 -26.37
C SER A 653 2.21 32.62 -26.79
N SER A 654 2.60 32.49 -28.06
CA SER A 654 3.67 33.31 -28.61
C SER A 654 3.22 34.78 -28.72
N GLY A 655 4.14 35.73 -28.85
CA GLY A 655 5.58 35.54 -28.64
C GLY A 655 6.14 35.84 -27.26
N PRO A 656 5.81 37.03 -26.72
CA PRO A 656 6.44 37.46 -25.46
C PRO A 656 6.24 36.50 -24.31
N GLU A 657 5.17 35.72 -24.35
CA GLU A 657 4.93 34.77 -23.28
C GLU A 657 5.88 33.60 -23.38
N GLN A 658 6.15 33.13 -24.59
CA GLN A 658 7.00 31.97 -24.74
C GLN A 658 8.40 32.26 -24.20
N TYR A 659 8.87 33.50 -24.34
CA TYR A 659 10.17 33.88 -23.81
C TYR A 659 10.27 33.62 -22.33
N ASP A 660 9.17 33.76 -21.61
CA ASP A 660 9.22 33.57 -20.17
C ASP A 660 9.63 32.15 -19.81
N ALA A 661 9.46 31.18 -20.70
CA ALA A 661 9.87 29.79 -20.43
C ALA A 661 11.21 29.40 -21.03
N LEU A 662 11.73 30.16 -21.98
CA LEU A 662 12.91 29.77 -22.76
C LEU A 662 14.20 30.17 -22.06
N ILE A 663 14.18 30.14 -20.74
CA ILE A 663 15.29 30.52 -19.90
C ILE A 663 15.99 29.29 -19.33
N THR A 664 17.28 29.44 -19.05
CA THR A 664 18.06 28.37 -18.44
C THR A 664 17.62 28.05 -17.02
N SER A 665 16.71 28.81 -16.43
CA SER A 665 16.19 28.47 -15.11
C SER A 665 15.08 27.42 -15.17
N ASN A 666 14.55 27.15 -16.36
CA ASN A 666 13.44 26.23 -16.56
C ASN A 666 13.87 24.88 -17.13
N ILE A 667 15.17 24.56 -17.13
CA ILE A 667 15.65 23.38 -17.84
C ILE A 667 16.13 22.33 -16.84
N VAL A 668 16.05 21.06 -17.25
CA VAL A 668 16.58 19.94 -16.48
C VAL A 668 17.29 18.99 -17.45
N PRO A 669 18.44 18.42 -17.11
CA PRO A 669 19.05 17.44 -18.02
C PRO A 669 18.18 16.20 -18.14
N MET A 670 17.79 15.87 -19.36
CA MET A 670 17.03 14.66 -19.58
C MET A 670 17.71 13.82 -20.65
N TYR A 671 17.79 12.54 -20.37
CA TYR A 671 18.08 11.55 -21.39
C TYR A 671 17.15 11.73 -22.57
N LYS A 672 17.69 11.69 -23.78
CA LYS A 672 16.88 12.01 -24.94
C LYS A 672 15.73 11.04 -25.08
N GLU A 673 15.97 9.77 -24.75
CA GLU A 673 14.91 8.77 -24.84
C GLU A 673 13.83 9.06 -23.81
N PHE A 674 14.21 9.57 -22.65
CA PHE A 674 13.20 10.03 -21.71
C PHE A 674 12.50 11.26 -22.26
N ALA A 675 13.28 12.22 -22.75
CA ALA A 675 12.69 13.41 -23.35
C ALA A 675 11.60 13.02 -24.34
N ARG A 676 11.76 11.90 -25.02
CA ARG A 676 10.75 11.44 -25.97
C ARG A 676 9.39 11.29 -25.29
N LEU A 677 9.32 10.46 -24.25
CA LEU A 677 8.10 10.27 -23.49
C LEU A 677 7.61 11.58 -22.86
N TRP A 678 8.53 12.34 -22.27
CA TRP A 678 8.18 13.60 -21.61
C TRP A 678 7.51 14.57 -22.58
N ASN A 679 8.10 14.74 -23.75
CA ASN A 679 7.52 15.63 -24.76
C ASN A 679 6.17 15.12 -25.20
N TYR A 680 6.04 13.82 -25.44
CA TYR A 680 4.73 13.27 -25.77
C TYR A 680 3.72 13.54 -24.66
N PHE A 681 4.21 13.67 -23.42
CA PHE A 681 3.32 13.97 -22.30
C PHE A 681 2.82 15.41 -22.37
N HIS A 682 3.74 16.38 -22.54
CA HIS A 682 3.30 17.76 -22.77
C HIS A 682 2.34 17.86 -23.94
N SER A 683 2.78 17.34 -25.08
CA SER A 683 2.22 17.74 -26.37
C SER A 683 0.86 17.13 -26.62
N THR A 684 0.64 15.91 -26.16
CA THR A 684 -0.61 15.19 -26.41
C THR A 684 -1.31 14.81 -25.12
N LEU A 685 -0.64 14.08 -24.23
CA LEU A 685 -1.34 13.54 -23.07
C LEU A 685 -1.87 14.64 -22.14
N LEU A 686 -1.01 15.58 -21.74
CA LEU A 686 -1.49 16.58 -20.78
C LEU A 686 -2.67 17.39 -21.29
N PRO A 687 -2.66 17.93 -22.51
CA PRO A 687 -3.86 18.63 -22.97
C PRO A 687 -5.11 17.78 -22.87
N LYS A 688 -5.02 16.50 -23.23
CA LYS A 688 -6.18 15.62 -23.16
C LYS A 688 -6.67 15.45 -21.74
N TYR A 689 -5.75 15.19 -20.79
CA TYR A 689 -6.15 15.12 -19.38
C TYR A 689 -6.80 16.42 -18.93
N ALA A 690 -6.29 17.56 -19.42
CA ALA A 690 -6.79 18.85 -18.98
C ALA A 690 -8.21 19.09 -19.46
N THR A 691 -8.49 18.81 -20.73
CA THR A 691 -9.83 19.05 -21.22
C THR A 691 -10.79 17.95 -20.77
N GLU A 692 -10.29 16.73 -20.64
CA GLU A 692 -11.06 15.66 -20.02
C GLU A 692 -11.45 16.02 -18.58
N ARG A 693 -10.55 16.66 -17.83
CA ARG A 693 -10.78 17.02 -16.44
C ARG A 693 -11.07 18.51 -16.21
N ASN A 694 -11.23 19.31 -17.27
CA ASN A 694 -11.56 20.72 -17.11
C ASN A 694 -10.41 21.53 -16.54
N GLY A 695 -9.21 21.31 -17.09
CA GLY A 695 -8.02 21.97 -16.64
C GLY A 695 -7.32 21.22 -15.51
N LEU A 696 -6.03 21.52 -15.33
CA LEU A 696 -5.22 20.85 -14.33
C LEU A 696 -4.24 21.85 -13.72
N ASN A 697 -3.95 21.65 -12.44
CA ASN A 697 -2.80 22.24 -11.79
C ASN A 697 -1.67 21.22 -11.81
N VAL A 698 -0.53 21.62 -12.34
CA VAL A 698 0.60 20.75 -12.56
C VAL A 698 1.75 21.26 -11.72
N ILE A 699 2.28 20.40 -10.85
CA ILE A 699 3.51 20.71 -10.14
C ILE A 699 4.46 19.56 -10.43
N SER A 700 5.59 19.87 -11.08
CA SER A 700 6.55 18.86 -11.47
C SER A 700 7.92 19.24 -10.94
N GLY A 701 8.77 18.23 -10.77
CA GLY A 701 10.12 18.46 -10.32
C GLY A 701 10.98 17.23 -10.46
N PRO A 702 12.27 17.32 -10.11
CA PRO A 702 13.09 16.12 -10.15
C PRO A 702 13.17 15.42 -8.80
N ILE A 703 13.70 14.19 -8.83
CA ILE A 703 13.94 13.36 -7.67
C ILE A 703 15.35 12.82 -7.83
N PHE A 704 16.16 12.97 -6.79
CA PHE A 704 17.42 12.26 -6.67
C PHE A 704 17.28 11.26 -5.53
N ASP A 705 17.29 9.98 -5.88
CA ASP A 705 17.35 8.92 -4.92
C ASP A 705 18.37 7.90 -5.47
N TYR A 706 19.66 8.10 -5.16
CA TYR A 706 20.67 7.16 -5.64
C TYR A 706 20.95 6.09 -4.62
N ASN A 707 20.46 6.25 -3.40
CA ASN A 707 20.48 5.19 -2.40
C ASN A 707 19.19 4.37 -2.39
N TYR A 708 18.26 4.69 -3.28
CA TYR A 708 17.06 3.89 -3.54
C TYR A 708 16.37 3.46 -2.24
N ASP A 709 16.30 4.39 -1.29
CA ASP A 709 15.57 4.18 -0.03
C ASP A 709 14.19 4.81 -0.02
N GLY A 710 13.75 5.40 -1.13
CA GLY A 710 12.47 6.05 -1.17
C GLY A 710 12.42 7.36 -0.43
N HIS A 711 13.56 8.00 -0.20
CA HIS A 711 13.64 9.27 0.51
C HIS A 711 14.46 10.26 -0.29
N PHE A 712 14.43 11.51 0.13
CA PHE A 712 15.47 12.43 -0.32
C PHE A 712 16.76 12.16 0.46
N ASP A 713 17.88 12.50 -0.15
CA ASP A 713 19.16 12.21 0.47
C ASP A 713 20.06 13.44 0.38
N PRO A 714 21.07 13.53 1.27
CA PRO A 714 22.06 14.60 1.17
C PRO A 714 22.55 14.76 -0.25
N TYR A 715 22.79 16.01 -0.66
CA TYR A 715 23.27 16.27 -2.01
C TYR A 715 24.61 15.62 -2.31
N ASP A 716 25.39 15.27 -1.27
CA ASP A 716 26.63 14.52 -1.48
C ASP A 716 26.36 13.11 -2.02
N THR A 717 25.09 12.66 -2.04
CA THR A 717 24.73 11.31 -2.47
C THR A 717 24.62 11.15 -3.99
N ILE A 718 24.29 12.20 -4.74
CA ILE A 718 24.13 12.06 -6.18
C ILE A 718 25.41 11.51 -6.80
N ASP A 719 25.29 10.40 -7.52
CA ASP A 719 26.45 9.74 -8.11
C ASP A 719 26.58 9.91 -9.62
N GLN A 720 25.68 10.66 -10.28
CA GLN A 720 25.75 10.84 -11.72
C GLN A 720 25.50 12.29 -12.09
N TYR A 721 26.16 12.73 -13.16
CA TYR A 721 26.09 14.10 -13.61
C TYR A 721 26.12 14.18 -15.12
N VAL A 722 25.79 15.36 -15.64
CA VAL A 722 26.06 15.68 -17.02
C VAL A 722 27.56 15.78 -17.18
N ASN A 723 28.10 14.99 -18.09
CA ASN A 723 29.53 14.89 -18.35
C ASN A 723 30.25 16.22 -18.50
N ASN A 724 31.39 16.37 -17.84
CA ASN A 724 32.19 17.58 -17.89
C ASN A 724 31.44 18.75 -17.28
N THR A 725 30.48 18.44 -16.39
CA THR A 725 29.81 19.45 -15.60
C THR A 725 29.56 18.91 -14.20
N LYS A 726 29.01 19.79 -13.38
CA LYS A 726 28.49 19.47 -12.06
C LYS A 726 26.96 19.39 -12.02
N ILE A 727 26.29 19.33 -13.17
CA ILE A 727 24.82 19.31 -13.22
C ILE A 727 24.29 17.93 -12.82
N PRO A 728 23.52 17.81 -11.73
CA PRO A 728 23.11 16.48 -11.26
C PRO A 728 22.08 15.85 -12.20
N ILE A 729 22.19 14.54 -12.37
CA ILE A 729 21.23 13.78 -13.17
C ILE A 729 20.14 13.26 -12.23
N PRO A 730 18.88 13.66 -12.41
CA PRO A 730 17.82 13.11 -11.56
C PRO A 730 17.56 11.64 -11.86
N THR A 731 17.33 10.87 -10.80
CA THR A 731 16.93 9.49 -10.95
C THR A 731 15.47 9.39 -11.40
N HIS A 732 14.62 10.32 -10.98
CA HIS A 732 13.22 10.29 -11.39
C HIS A 732 12.72 11.71 -11.65
N TYR A 733 11.62 11.81 -12.39
CA TYR A 733 10.91 13.08 -12.55
C TYR A 733 9.46 12.89 -12.08
N PHE A 734 9.02 13.75 -11.17
CA PHE A 734 7.67 13.64 -10.61
C PHE A 734 6.75 14.71 -11.19
N VAL A 735 5.48 14.32 -11.37
CA VAL A 735 4.43 15.19 -11.87
C VAL A 735 3.18 14.96 -11.04
N VAL A 736 2.69 15.98 -10.35
CA VAL A 736 1.44 15.89 -9.62
C VAL A 736 0.39 16.68 -10.39
N LEU A 737 -0.68 15.98 -10.77
CA LEU A 737 -1.81 16.55 -11.48
C LEU A 737 -2.98 16.71 -10.52
N THR A 738 -3.55 17.91 -10.49
CA THR A 738 -4.57 18.28 -9.51
C THR A 738 -5.76 18.93 -10.20
N SER A 739 -6.95 18.42 -9.92
CA SER A 739 -8.19 18.92 -10.52
C SER A 739 -9.32 18.60 -9.56
N CYS A 740 -10.56 18.71 -10.03
CA CYS A 740 -11.76 18.47 -9.22
C CYS A 740 -12.48 17.21 -9.68
N GLU A 741 -12.81 16.33 -8.72
CA GLU A 741 -13.63 15.16 -9.02
C GLU A 741 -14.93 15.57 -9.69
N ASN A 742 -15.41 16.76 -9.38
CA ASN A 742 -16.49 17.36 -10.15
C ASN A 742 -15.88 18.02 -11.39
N SER A 743 -16.11 17.42 -12.55
CA SER A 743 -15.64 18.02 -13.80
C SER A 743 -16.37 19.32 -14.11
N THR A 744 -17.46 19.61 -13.38
CA THR A 744 -18.10 20.92 -13.46
C THR A 744 -17.19 22.01 -12.91
N LYS A 745 -16.28 21.65 -12.01
CA LYS A 745 -15.45 22.61 -11.31
C LYS A 745 -14.01 22.51 -11.80
N THR A 746 -13.31 23.63 -11.75
CA THR A 746 -11.91 23.66 -12.16
C THR A 746 -11.01 23.41 -10.96
N PRO A 747 -9.70 23.27 -11.17
CA PRO A 747 -8.80 23.13 -10.01
C PRO A 747 -8.82 24.33 -9.10
N LEU A 748 -9.17 25.49 -9.63
CA LEU A 748 -9.07 26.73 -8.87
C LEU A 748 -10.27 26.96 -7.96
N ASN A 749 -11.46 26.57 -8.37
CA ASN A 749 -12.68 26.74 -7.57
C ASN A 749 -13.21 25.43 -6.99
N CYS A 750 -12.38 24.38 -6.95
CA CYS A 750 -12.84 23.10 -6.39
C CYS A 750 -12.79 23.13 -4.87
N PRO A 751 -13.85 22.74 -4.16
CA PRO A 751 -13.75 22.61 -2.69
C PRO A 751 -12.71 21.56 -2.33
N PRO A 752 -11.87 21.83 -1.31
CA PRO A 752 -10.76 20.90 -1.00
C PRO A 752 -11.15 19.44 -0.89
N GLY A 753 -12.28 19.13 -0.27
CA GLY A 753 -12.63 17.75 -0.04
C GLY A 753 -12.75 16.93 -1.31
N SER A 754 -13.13 17.57 -2.42
CA SER A 754 -13.41 16.89 -3.68
C SER A 754 -12.24 16.92 -4.66
N LEU A 755 -11.06 17.34 -4.21
CA LEU A 755 -9.91 17.44 -5.12
C LEU A 755 -9.45 16.06 -5.61
N LYS A 756 -9.13 16.01 -6.89
CA LYS A 756 -8.66 14.84 -7.59
C LYS A 756 -7.16 14.99 -7.86
N VAL A 757 -6.42 13.90 -7.68
CA VAL A 757 -4.97 13.94 -7.84
C VAL A 757 -4.52 12.71 -8.62
N LEU A 758 -3.63 12.92 -9.58
CA LEU A 758 -2.94 11.86 -10.33
C LEU A 758 -1.46 12.19 -10.31
N SER A 759 -0.66 11.43 -9.57
CA SER A 759 0.76 11.71 -9.42
C SER A 759 1.58 10.66 -10.16
N PHE A 760 2.72 11.10 -10.68
CA PHE A 760 3.62 10.31 -11.48
C PHE A 760 5.02 10.41 -10.88
N ILE A 761 5.71 9.28 -10.82
CA ILE A 761 7.13 9.26 -10.54
C ILE A 761 7.74 8.44 -11.67
N LEU A 762 8.36 9.11 -12.60
CA LEU A 762 8.81 8.53 -13.86
C LEU A 762 10.30 8.23 -13.79
N PRO A 763 10.71 7.01 -14.11
CA PRO A 763 12.15 6.70 -14.08
C PRO A 763 12.90 7.42 -15.19
N HIS A 764 14.03 7.98 -14.83
CA HIS A 764 14.82 8.77 -15.76
C HIS A 764 15.86 7.85 -16.39
N ARG A 765 15.55 7.24 -17.53
CA ARG A 765 16.49 6.30 -18.11
C ARG A 765 17.04 6.70 -19.47
N PRO A 766 18.19 6.12 -19.81
CA PRO A 766 18.82 6.40 -21.10
C PRO A 766 18.09 5.79 -22.26
N ASP A 767 17.29 4.76 -22.02
CA ASP A 767 16.55 4.08 -23.07
C ASP A 767 15.15 3.74 -22.56
N ASN A 768 14.31 3.32 -23.50
CA ASN A 768 12.93 2.90 -23.27
C ASN A 768 12.77 1.38 -23.27
N SER A 769 13.85 0.61 -23.08
CA SER A 769 13.74 -0.85 -23.04
C SER A 769 12.60 -1.33 -22.13
N GLU A 770 12.17 -0.52 -21.14
CA GLU A 770 11.08 -0.94 -20.27
C GLU A 770 9.76 -0.99 -21.02
N SER A 771 9.52 -0.01 -21.88
CA SER A 771 8.39 -0.12 -22.81
C SER A 771 8.67 -1.09 -23.93
N CYS A 772 9.85 -1.72 -23.93
CA CYS A 772 10.29 -2.58 -25.01
C CYS A 772 10.11 -1.89 -26.34
N ALA A 773 10.18 -0.58 -26.33
CA ALA A 773 10.09 0.15 -27.58
C ALA A 773 11.17 1.21 -27.57
N ASP A 774 12.31 0.86 -28.16
CA ASP A 774 13.30 1.82 -28.61
C ASP A 774 12.95 2.15 -30.05
N LYS A 775 11.65 2.08 -30.35
CA LYS A 775 11.16 2.23 -31.70
C LYS A 775 9.78 2.90 -31.66
N SER A 776 9.25 3.11 -32.86
CA SER A 776 7.98 3.78 -33.07
C SER A 776 6.85 3.06 -32.33
N PRO A 777 5.65 3.69 -32.26
CA PRO A 777 5.31 5.09 -32.60
C PRO A 777 4.94 6.01 -31.44
N ASP A 778 5.62 5.99 -30.30
CA ASP A 778 5.22 6.81 -29.16
C ASP A 778 3.80 6.50 -28.68
N ASN A 779 3.08 5.66 -29.41
CA ASN A 779 1.62 5.54 -29.29
C ASN A 779 1.29 4.31 -28.45
N LEU A 780 0.65 4.55 -27.32
CA LEU A 780 0.10 3.53 -26.43
C LEU A 780 1.16 2.90 -25.54
N TRP A 781 2.46 3.06 -25.87
CA TRP A 781 3.46 2.62 -24.91
C TRP A 781 3.76 3.68 -23.86
N VAL A 782 3.67 4.96 -24.23
CA VAL A 782 3.90 6.02 -23.26
C VAL A 782 2.83 5.98 -22.17
N GLU A 783 1.56 5.96 -22.57
CA GLU A 783 0.47 6.00 -21.61
C GLU A 783 0.49 4.78 -20.70
N GLU A 784 0.72 3.60 -21.27
CA GLU A 784 0.84 2.38 -20.47
C GLU A 784 2.01 2.56 -19.49
N ARG A 785 3.16 3.00 -19.99
CA ARG A 785 4.37 3.14 -19.17
C ARG A 785 4.18 4.03 -17.97
N MET A 786 3.65 5.22 -18.19
CA MET A 786 3.30 6.13 -17.12
C MET A 786 2.27 5.52 -16.20
N GLN A 787 1.35 4.77 -16.79
CA GLN A 787 0.28 4.15 -16.03
C GLN A 787 0.83 3.24 -14.96
N THR A 788 1.86 2.46 -15.26
CA THR A 788 2.38 1.64 -14.19
C THR A 788 3.26 2.40 -13.20
N HIS A 789 3.56 3.68 -13.46
CA HIS A 789 4.43 4.49 -12.61
C HIS A 789 3.71 5.56 -11.77
N THR A 790 2.39 5.46 -11.58
CA THR A 790 1.75 6.40 -10.68
C THR A 790 2.25 6.22 -9.25
N ALA A 791 2.02 7.23 -8.41
CA ALA A 791 2.42 7.17 -7.02
C ALA A 791 1.44 7.99 -6.19
N ARG A 792 1.51 7.83 -4.87
CA ARG A 792 0.80 8.74 -3.98
C ARG A 792 1.53 10.08 -3.92
N VAL A 793 0.80 11.12 -3.51
CA VAL A 793 1.46 12.40 -3.27
C VAL A 793 2.49 12.23 -2.15
N ARG A 794 2.16 11.41 -1.16
CA ARG A 794 3.08 11.13 -0.07
C ARG A 794 4.42 10.58 -0.57
N ASP A 795 4.38 9.66 -1.52
CA ASP A 795 5.61 9.10 -2.09
C ASP A 795 6.50 10.21 -2.68
N VAL A 796 5.89 11.16 -3.40
CA VAL A 796 6.65 12.26 -3.96
C VAL A 796 7.24 13.10 -2.85
N GLU A 797 6.46 13.41 -1.82
CA GLU A 797 6.96 14.21 -0.71
C GLU A 797 8.19 13.55 -0.09
N LEU A 798 8.10 12.25 0.18
CA LEU A 798 9.21 11.56 0.84
C LEU A 798 10.43 11.56 -0.06
N LEU A 799 10.23 11.41 -1.37
CA LEU A 799 11.37 11.41 -2.26
C LEU A 799 11.99 12.79 -2.42
N THR A 800 11.21 13.86 -2.28
CA THR A 800 11.71 15.21 -2.48
C THR A 800 11.87 16.07 -1.23
N GLY A 801 11.39 15.63 -0.07
CA GLY A 801 11.39 16.50 1.09
C GLY A 801 10.51 17.73 0.95
N LEU A 802 9.41 17.61 0.21
CA LEU A 802 8.48 18.73 0.00
C LEU A 802 7.12 18.42 0.58
N ASP A 803 6.45 19.44 1.10
CA ASP A 803 5.11 19.29 1.67
C ASP A 803 4.12 20.05 0.80
N PHE A 804 3.06 19.36 0.37
CA PHE A 804 2.10 19.88 -0.59
C PHE A 804 0.78 20.18 0.10
N TYR A 805 -0.04 21.00 -0.55
CA TYR A 805 -1.40 21.28 -0.09
C TYR A 805 -1.40 21.95 1.28
N SER A 806 -0.40 22.80 1.52
CA SER A 806 -0.26 23.44 2.83
C SER A 806 -1.42 24.38 3.10
N ALA A 807 -1.88 25.11 2.07
CA ALA A 807 -2.98 26.04 2.25
C ALA A 807 -4.20 25.37 1.64
N LEU A 808 -4.90 24.65 2.50
CA LEU A 808 -6.17 24.03 2.17
C LEU A 808 -7.05 24.22 3.38
N LYS A 809 -8.26 24.70 3.14
CA LYS A 809 -9.18 24.99 4.23
C LYS A 809 -9.92 23.69 4.50
N GLN A 810 -9.40 22.92 5.45
CA GLN A 810 -9.83 21.54 5.62
C GLN A 810 -9.17 20.98 6.87
N PRO A 811 -9.84 20.08 7.60
CA PRO A 811 -9.12 19.36 8.65
C PRO A 811 -7.97 18.61 8.02
N LEU A 812 -6.78 18.69 8.63
CA LEU A 812 -5.63 18.17 7.91
C LEU A 812 -5.66 16.66 7.77
N SER A 813 -6.35 15.96 8.66
CA SER A 813 -6.53 14.54 8.48
C SER A 813 -7.15 14.24 7.11
N GLU A 814 -7.99 15.14 6.60
CA GLU A 814 -8.57 14.99 5.28
C GLU A 814 -7.49 15.09 4.22
N THR A 815 -6.59 16.03 4.40
CA THR A 815 -5.56 16.28 3.44
C THR A 815 -4.60 15.09 3.41
N LEU A 816 -4.44 14.43 4.56
CA LEU A 816 -3.73 13.16 4.61
C LEU A 816 -4.47 12.09 3.83
N ARG A 817 -5.79 12.12 3.84
CA ARG A 817 -6.52 11.20 2.96
C ARG A 817 -6.16 11.43 1.52
N LEU A 818 -6.09 12.69 1.10
CA LEU A 818 -5.76 12.95 -0.29
C LEU A 818 -4.33 12.55 -0.62
N LYS A 819 -3.42 12.58 0.34
CA LYS A 819 -2.03 12.28 0.00
C LYS A 819 -1.62 10.81 0.16
N THR A 820 -2.40 9.98 0.86
CA THR A 820 -2.13 8.55 0.83
C THR A 820 -2.68 7.91 -0.43
N PHE A 821 -3.47 8.65 -1.21
CA PHE A 821 -4.18 8.06 -2.32
C PHE A 821 -3.25 7.76 -3.48
N LEU A 822 -3.45 6.58 -4.07
CA LEU A 822 -2.69 6.08 -5.20
C LEU A 822 -3.63 5.92 -6.39
N PRO A 823 -3.46 6.64 -7.49
CA PRO A 823 -4.29 6.39 -8.68
C PRO A 823 -3.96 5.06 -9.33
N ILE A 824 -5.00 4.31 -9.67
CA ILE A 824 -4.86 3.04 -10.40
C ILE A 824 -5.73 3.08 -11.65
N PHE A 825 -5.14 2.68 -12.77
CA PHE A 825 -5.80 2.66 -14.06
C PHE A 825 -6.27 1.24 -14.36
N ILE A 826 -7.43 1.15 -15.01
CA ILE A 826 -8.11 -0.12 -15.35
C ILE A 826 -7.48 -0.73 -16.58
N ASN A 827 -6.22 -0.38 -16.71
CA ASN A 827 -5.44 -0.62 -17.85
C ASN A 827 -5.65 0.57 -18.80
N SER A 828 -6.46 1.52 -18.39
CA SER A 828 -6.85 2.63 -19.21
C SER A 828 -5.64 3.24 -19.86
C1 NAG B . 29.10 10.72 -21.27
C2 NAG B . 27.83 10.02 -21.73
C3 NAG B . 28.02 8.52 -21.78
C4 NAG B . 29.29 8.14 -22.53
C5 NAG B . 30.48 8.95 -22.01
C6 NAG B . 31.74 8.64 -22.81
C7 NAG B . 25.95 11.42 -21.08
C8 NAG B . 24.91 11.69 -20.04
N2 NAG B . 26.73 10.36 -20.85
O3 NAG B . 26.89 7.91 -22.43
O4 NAG B . 29.56 6.74 -22.36
O5 NAG B . 30.19 10.34 -22.11
O6 NAG B . 31.82 9.52 -23.95
O7 NAG B . 26.08 12.11 -22.08
C1 NAG B . 29.38 6.09 -23.62
C2 NAG B . 30.05 4.72 -23.58
C3 NAG B . 29.87 3.98 -24.91
C4 NAG B . 28.41 4.00 -25.35
C5 NAG B . 27.84 5.41 -25.29
C6 NAG B . 26.36 5.42 -25.66
C7 NAG B . 32.33 5.25 -24.21
C8 NAG B . 31.83 6.26 -25.20
N2 NAG B . 31.46 4.87 -23.28
O3 NAG B . 30.31 2.62 -24.76
O4 NAG B . 28.31 3.51 -26.69
O5 NAG B . 28.00 5.93 -23.97
O6 NAG B . 25.58 5.71 -24.49
O7 NAG B . 33.47 4.81 -24.27
C1 FUC B . 32.73 8.96 -24.91
C2 FUC B . 32.30 9.36 -26.31
C3 FUC B . 32.48 10.85 -26.52
C4 FUC B . 33.87 11.30 -26.11
C5 FUC B . 34.21 10.78 -24.70
C6 FUC B . 35.63 11.17 -24.31
O2 FUC B . 30.92 9.01 -26.51
O3 FUC B . 32.28 11.17 -27.91
O4 FUC B . 34.84 10.82 -27.03
O5 FUC B . 34.08 9.37 -24.69
C1 NAG C . 9.40 3.56 6.40
C2 NAG C . 10.37 4.51 5.75
C3 NAG C . 11.78 4.18 6.17
C4 NAG C . 11.91 4.18 7.68
C5 NAG C . 10.74 3.51 8.39
C6 NAG C . 10.61 4.10 9.77
C7 NAG C . 10.07 5.40 3.57
C8 NAG C . 10.39 5.22 2.14
N2 NAG C . 10.27 4.39 4.35
O3 NAG C . 12.60 5.18 5.57
O4 NAG C . 13.09 3.51 8.09
O5 NAG C . 9.50 3.76 7.78
O6 NAG C . 10.67 5.50 9.68
O7 NAG C . 9.67 6.42 3.99
C1 NAG C . 14.05 4.42 8.69
C2 NAG C . 14.98 3.76 9.71
C3 NAG C . 15.95 4.78 10.31
C4 NAG C . 16.62 5.61 9.22
C5 NAG C . 15.59 6.16 8.24
C6 NAG C . 16.27 6.92 7.11
C7 NAG C . 14.04 1.81 10.80
C8 NAG C . 13.13 1.30 11.88
N2 NAG C . 14.20 3.13 10.76
O3 NAG C . 16.94 4.10 11.08
O4 NAG C . 17.34 6.69 9.82
O5 NAG C . 14.83 5.08 7.70
O6 NAG C . 16.56 6.03 6.04
O7 NAG C . 14.59 1.06 10.01
C1 BMA C . 18.73 6.36 9.84
C2 BMA C . 19.56 7.62 9.62
C3 BMA C . 21.05 7.31 9.65
C4 BMA C . 21.42 6.49 10.88
C5 BMA C . 20.48 5.29 11.03
C6 BMA C . 20.79 4.51 12.29
O2 BMA C . 19.25 8.58 10.64
O3 BMA C . 21.80 8.53 9.66
O4 BMA C . 22.76 6.02 10.76
O5 BMA C . 19.13 5.75 11.07
O6 BMA C . 19.70 3.63 12.60
C1 MAN C . 22.27 9.22 8.49
C2 MAN C . 23.79 9.29 8.37
C3 MAN C . 24.36 10.70 8.51
C4 MAN C . 23.44 11.75 7.87
C5 MAN C . 21.96 11.55 8.21
C6 MAN C . 21.14 11.39 6.93
O2 MAN C . 24.18 8.75 7.10
O3 MAN C . 25.65 10.76 7.89
O4 MAN C . 23.85 13.05 8.31
O5 MAN C . 21.73 10.42 9.05
O6 MAN C . 19.80 11.82 7.16
C1 MAN C . 20.15 2.64 13.55
C2 MAN C . 21.18 1.75 12.89
C3 MAN C . 20.55 0.88 11.81
C4 MAN C . 19.29 0.19 12.31
C5 MAN C . 18.36 1.19 13.00
C6 MAN C . 17.14 0.49 13.58
O2 MAN C . 21.77 0.89 13.89
O3 MAN C . 21.49 -0.11 11.37
O4 MAN C . 18.59 -0.41 11.21
O5 MAN C . 19.07 1.85 14.05
O6 MAN C . 16.25 0.14 12.51
ZN ZN D . -1.76 -18.46 0.08
ZN ZN E . -1.95 -15.04 3.05
CA CA F . 17.02 8.40 -1.05
C1 EDO G . -23.60 -18.75 6.26
O1 EDO G . -23.03 -18.46 7.54
C2 EDO G . -24.31 -20.10 6.27
O2 EDO G . -25.24 -20.09 5.18
C1 NAG H . 13.67 -3.50 21.55
C2 NAG H . 13.00 -2.23 21.04
C3 NAG H . 13.58 -0.99 21.73
C4 NAG H . 13.61 -1.17 23.24
C5 NAG H . 14.22 -2.51 23.62
C6 NAG H . 14.18 -2.72 25.13
C7 NAG H . 12.18 -2.36 18.76
C8 NAG H . 12.50 -2.22 17.30
N2 NAG H . 13.18 -2.12 19.60
O3 NAG H . 12.79 0.15 21.39
O4 NAG H . 14.35 -0.10 23.84
O5 NAG H . 13.53 -3.56 22.97
O6 NAG H . 14.24 -4.12 25.42
O7 NAG H . 11.07 -2.68 19.15
C1 NAG I . -2.52 -30.12 15.76
C2 NAG I . -1.64 -31.04 16.60
C3 NAG I . -2.30 -32.41 16.79
C4 NAG I . -3.74 -32.25 17.24
C5 NAG I . -4.50 -31.26 16.36
C6 NAG I . -5.92 -31.05 16.86
C7 NAG I . 0.77 -30.82 16.58
C8 NAG I . 2.03 -30.91 15.76
N2 NAG I . -0.34 -31.20 15.97
O3 NAG I . -1.57 -33.16 17.76
O4 NAG I . -4.40 -33.53 17.18
O5 NAG I . -3.81 -30.02 16.36
O6 NAG I . -5.93 -31.04 18.29
O7 NAG I . 0.79 -30.41 17.74
C1 NAG J . 19.52 -21.78 0.50
C2 NAG J . 20.90 -22.33 0.54
C3 NAG J . 21.31 -22.44 -0.90
C4 NAG J . 20.43 -23.43 -1.63
C5 NAG J . 18.96 -23.50 -1.17
C6 NAG J . 18.62 -24.91 -0.75
C7 NAG J . 22.58 -21.91 2.13
C8 NAG J . 23.98 -21.42 1.95
N2 NAG J . 21.69 -21.43 1.30
O3 NAG J . 22.64 -22.96 -0.99
O4 NAG J . 20.57 -23.18 -3.03
O5 NAG J . 18.66 -22.80 0.03
O6 NAG J . 17.41 -25.29 -1.36
O7 NAG J . 22.27 -22.68 2.98
C1 NAG K . -19.71 -41.15 20.29
C2 NAG K . -20.36 -41.70 19.03
C3 NAG K . -19.51 -42.78 18.40
C4 NAG K . -18.06 -42.32 18.25
C5 NAG K . -17.55 -41.74 19.57
C6 NAG K . -16.12 -41.20 19.40
C7 NAG K . -22.73 -41.99 18.56
C8 NAG K . -23.71 -43.11 18.42
N2 NAG K . -21.68 -42.22 19.34
O3 NAG K . -20.03 -43.11 17.11
O4 NAG K . -17.24 -43.43 17.87
O5 NAG K . -18.41 -40.67 19.99
O6 NAG K . -15.62 -40.80 20.68
O7 NAG K . -22.88 -40.92 17.99
#